data_5JOD
#
_entry.id   5JOD
#
_cell.length_a   82.909
_cell.length_b   62.780
_cell.length_c   94.030
_cell.angle_alpha   90.00
_cell.angle_beta   113.50
_cell.angle_gamma   90.00
#
_symmetry.space_group_name_H-M   'P 1 21 1'
#
loop_
_entity.id
_entity.type
_entity.pdbx_description
1 polymer 'Proplasmepsin IV'
2 non-polymer GLYCEROL
3 water water
#
_entity_poly.entity_id   1
_entity_poly.type   'polypeptide(L)'
_entity_poly.pdbx_seq_one_letter_code
;KHTTIGFKIDRPHDKVLSSVLKNKLSTYVKESFKFFKSGYAQKGYLGSENDSIELDDVANLMFYGEGQIGTNKQPFMFIF
DTGSANLWVPSVNCDSIGCSTKHLYDASASKSYEKDGTKVEISYGSGTVRGYFSKDVISLGDLSLPYKFIEVTDADDLEP
IYSGSEFDGILGLGWKDLSIGSIDPVVVELKKQNKIDNALFTFYLPVHDKHVGYLTIGGIESDFYEGPLTYEKLNHDLYW
QIDLDIHFGKYVMQKANAVVDSGTSTITAPTSFLNKFFRDMNVIKVPFLPLYVTTCDNDDLPTLEFHSRNNKYTLEPEFY
MDPLSDIDPALCMLYILPVDIDDNTFILGDPFMRKYFTVFDYEKESVGFAVAKNL
;
_entity_poly.pdbx_strand_id   A,B
#
# COMPACT_ATOMS: atom_id res chain seq x y z
N LYS A 1 8.43 5.03 17.65
CA LYS A 1 8.27 5.21 19.09
C LYS A 1 6.89 4.75 19.55
N HIS A 2 5.86 5.36 18.98
CA HIS A 2 4.49 4.99 19.32
C HIS A 2 3.91 4.06 18.29
N THR A 3 2.98 3.21 18.72
CA THR A 3 2.37 2.20 17.86
C THR A 3 1.57 2.81 16.72
N THR A 4 1.94 2.45 15.49
CA THR A 4 1.25 2.95 14.31
C THR A 4 0.66 1.77 13.57
N ILE A 5 -0.63 1.87 13.24
CA ILE A 5 -1.26 0.80 12.48
C ILE A 5 -1.79 1.36 11.18
N GLY A 6 -1.49 0.65 10.10
CA GLY A 6 -1.97 1.09 8.80
C GLY A 6 -3.38 0.57 8.57
N PHE A 7 -4.16 1.35 7.83
CA PHE A 7 -5.47 0.87 7.42
C PHE A 7 -5.74 1.22 5.97
N LYS A 8 -6.75 0.55 5.41
CA LYS A 8 -7.17 0.81 4.04
C LYS A 8 -8.49 1.53 4.04
N ILE A 9 -8.76 2.29 2.98
CA ILE A 9 -9.99 3.05 2.95
C ILE A 9 -10.82 2.64 1.74
N ASP A 10 -12.09 2.37 1.99
CA ASP A 10 -13.05 2.13 0.91
C ASP A 10 -13.63 3.49 0.53
N ARG A 11 -13.23 4.00 -0.63
CA ARG A 11 -13.64 5.31 -1.11
C ARG A 11 -14.94 5.19 -1.87
N PRO A 12 -15.98 5.90 -1.42
CA PRO A 12 -17.31 5.67 -2.00
C PRO A 12 -17.38 6.03 -3.48
N HIS A 13 -16.62 7.01 -3.92
CA HIS A 13 -16.74 7.42 -5.32
C HIS A 13 -16.08 6.42 -6.26
N ASP A 14 -15.25 5.51 -5.74
CA ASP A 14 -14.61 4.51 -6.59
C ASP A 14 -15.63 3.60 -7.26
N LYS A 15 -16.66 3.17 -6.53
CA LYS A 15 -17.65 2.27 -7.12
C LYS A 15 -18.51 3.07 -8.09
N VAL A 16 -18.69 4.36 -7.82
CA VAL A 16 -19.48 5.22 -8.69
C VAL A 16 -18.78 5.40 -10.02
N LEU A 17 -17.49 5.72 -9.98
CA LEU A 17 -16.71 5.88 -11.20
C LEU A 17 -16.59 4.56 -11.95
N SER A 18 -16.50 3.46 -11.20
CA SER A 18 -16.48 2.14 -11.81
C SER A 18 -17.77 1.88 -12.57
N SER A 19 -18.89 2.18 -11.92
CA SER A 19 -20.21 1.98 -12.55
C SER A 19 -20.37 2.82 -13.81
N VAL A 20 -19.85 4.04 -13.76
CA VAL A 20 -19.96 4.96 -14.89
C VAL A 20 -19.24 4.39 -16.11
N LEU A 21 -18.05 3.85 -15.91
CA LEU A 21 -17.31 3.23 -17.01
C LEU A 21 -17.98 1.93 -17.45
N LYS A 22 -18.40 1.11 -16.48
CA LYS A 22 -19.03 -0.17 -16.78
C LYS A 22 -20.34 -0.03 -17.55
N ASN A 23 -21.13 0.99 -17.23
CA ASN A 23 -22.44 1.17 -17.84
C ASN A 23 -22.41 2.19 -18.98
N LYS A 24 -21.21 2.55 -19.42
CA LYS A 24 -21.00 3.46 -20.54
C LYS A 24 -21.75 4.77 -20.31
N LEU A 25 -21.51 5.39 -19.16
CA LEU A 25 -22.18 6.62 -18.78
C LEU A 25 -21.26 7.84 -18.87
N SER A 26 -20.08 7.68 -19.45
CA SER A 26 -19.16 8.79 -19.63
C SER A 26 -19.77 9.92 -20.48
N THR A 27 -20.41 9.56 -21.58
CA THR A 27 -20.99 10.59 -22.42
C THR A 27 -22.11 11.31 -21.68
N TYR A 28 -22.94 10.56 -20.97
CA TYR A 28 -23.98 11.16 -20.14
C TYR A 28 -23.40 12.21 -19.17
N VAL A 29 -22.32 11.86 -18.48
CA VAL A 29 -21.71 12.81 -17.56
C VAL A 29 -21.22 14.06 -18.31
N LYS A 30 -20.54 13.85 -19.44
CA LYS A 30 -19.98 14.96 -20.20
C LYS A 30 -21.05 15.86 -20.79
N GLU A 31 -22.10 15.26 -21.35
CA GLU A 31 -23.16 16.05 -21.97
C GLU A 31 -23.98 16.81 -20.92
N SER A 32 -24.17 16.19 -19.75
CA SER A 32 -24.84 16.85 -18.64
C SER A 32 -24.12 18.14 -18.26
N PHE A 33 -22.80 18.07 -18.15
CA PHE A 33 -22.02 19.25 -17.83
C PHE A 33 -22.11 20.26 -18.97
N LYS A 34 -21.92 19.79 -20.19
CA LYS A 34 -22.00 20.63 -21.38
C LYS A 34 -23.34 21.35 -21.48
N PHE A 35 -24.41 20.69 -21.06
CA PHE A 35 -25.75 21.26 -21.15
C PHE A 35 -25.87 22.53 -20.31
N PHE A 36 -25.30 22.53 -19.11
CA PHE A 36 -25.35 23.77 -18.34
C PHE A 36 -24.39 24.80 -18.91
N LYS A 37 -23.40 24.34 -19.66
CA LYS A 37 -22.47 25.24 -20.35
C LYS A 37 -23.08 25.78 -21.65
N SER A 38 -24.16 25.16 -22.11
CA SER A 38 -24.82 25.62 -23.33
C SER A 38 -25.70 26.84 -23.02
N GLY A 39 -25.89 27.10 -21.73
CA GLY A 39 -26.64 28.27 -21.29
C GLY A 39 -28.12 28.16 -21.55
N TYR A 40 -28.55 27.02 -22.05
CA TYR A 40 -29.95 26.78 -22.38
C TYR A 40 -30.85 26.97 -21.18
N ALA A 41 -30.47 26.34 -20.09
CA ALA A 41 -31.37 26.19 -18.96
C ALA A 41 -31.04 27.06 -17.78
N GLN A 42 -30.36 28.18 -18.04
CA GLN A 42 -30.35 29.31 -17.08
C GLN A 42 -29.61 29.08 -15.75
N LYS A 43 -30.09 28.14 -14.94
CA LYS A 43 -29.77 28.08 -13.50
C LYS A 43 -28.49 27.37 -13.11
N GLY A 44 -28.29 26.16 -13.62
CA GLY A 44 -27.25 25.31 -13.08
C GLY A 44 -27.86 24.49 -11.96
N TYR A 45 -27.75 23.17 -12.10
CA TYR A 45 -28.49 22.25 -11.26
C TYR A 45 -27.67 21.78 -10.09
N LEU A 46 -28.29 21.75 -8.92
CA LEU A 46 -27.63 21.30 -7.72
C LEU A 46 -28.45 20.25 -6.96
N GLY A 47 -29.29 19.51 -7.69
CA GLY A 47 -30.05 18.43 -7.08
C GLY A 47 -31.49 18.77 -6.70
N SER A 48 -32.16 17.82 -6.06
CA SER A 48 -33.53 18.02 -5.60
C SER A 48 -33.78 17.19 -4.34
N GLU A 49 -35.00 17.27 -3.81
CA GLU A 49 -35.35 16.49 -2.62
C GLU A 49 -35.11 14.99 -2.83
N ASN A 50 -35.51 14.47 -4.00
CA ASN A 50 -35.29 13.07 -4.34
C ASN A 50 -33.90 12.80 -4.92
N ASP A 51 -33.30 13.81 -5.53
CA ASP A 51 -31.97 13.69 -6.11
C ASP A 51 -30.94 14.39 -5.22
N SER A 52 -30.61 13.79 -4.09
CA SER A 52 -29.69 14.42 -3.17
C SER A 52 -28.64 13.46 -2.61
N ILE A 53 -27.56 14.04 -2.13
CA ILE A 53 -26.52 13.32 -1.42
C ILE A 53 -27.08 12.72 -0.13
N GLU A 54 -26.74 11.46 0.12
CA GLU A 54 -27.11 10.77 1.35
C GLU A 54 -25.83 10.47 2.13
N LEU A 55 -25.98 10.14 3.41
CA LEU A 55 -24.81 9.87 4.25
C LEU A 55 -23.92 8.75 3.70
N ASP A 56 -24.53 7.74 3.08
CA ASP A 56 -23.76 6.65 2.48
C ASP A 56 -22.84 7.09 1.35
N ASP A 57 -23.17 8.20 0.70
CA ASP A 57 -22.34 8.71 -0.39
C ASP A 57 -21.02 9.30 0.11
N VAL A 58 -20.93 9.58 1.42
CA VAL A 58 -19.71 10.18 1.94
C VAL A 58 -19.05 9.33 3.02
N ALA A 59 -19.45 8.07 3.12
CA ALA A 59 -18.83 7.15 4.07
C ALA A 59 -17.47 6.67 3.57
N ASN A 60 -16.42 7.11 4.26
CA ASN A 60 -15.04 6.70 3.99
C ASN A 60 -14.64 5.58 4.96
N LEU A 61 -15.00 4.33 4.63
CA LEU A 61 -14.79 3.21 5.56
C LEU A 61 -13.32 2.84 5.74
N MET A 62 -12.87 2.85 7.00
CA MET A 62 -11.48 2.61 7.33
C MET A 62 -11.32 1.20 7.86
N PHE A 63 -10.67 0.34 7.08
CA PHE A 63 -10.58 -1.08 7.40
C PHE A 63 -9.23 -1.46 7.98
N TYR A 64 -9.25 -2.23 9.06
CA TYR A 64 -8.04 -2.71 9.69
C TYR A 64 -8.18 -4.20 9.96
N GLY A 65 -7.29 -5.01 9.41
CA GLY A 65 -7.45 -6.46 9.49
C GLY A 65 -6.41 -7.22 10.29
N GLU A 66 -5.55 -6.51 11.04
CA GLU A 66 -4.50 -7.21 11.78
C GLU A 66 -4.82 -7.40 13.26
N GLY A 67 -6.00 -6.95 13.69
CA GLY A 67 -6.36 -7.08 15.10
C GLY A 67 -6.74 -8.51 15.45
N GLN A 68 -6.46 -8.91 16.68
CA GLN A 68 -6.76 -10.28 17.13
C GLN A 68 -7.29 -10.28 18.57
N ILE A 69 -8.11 -11.28 18.91
CA ILE A 69 -8.63 -11.40 20.26
C ILE A 69 -8.36 -12.79 20.82
N GLY A 70 -7.87 -12.84 22.06
CA GLY A 70 -7.83 -14.10 22.80
C GLY A 70 -6.50 -14.82 22.68
N THR A 71 -6.31 -15.84 23.52
CA THR A 71 -5.05 -16.59 23.53
C THR A 71 -4.76 -17.28 22.22
N ASN A 72 -5.80 -17.66 21.47
CA ASN A 72 -5.60 -18.35 20.21
C ASN A 72 -5.67 -17.39 19.01
N LYS A 73 -5.55 -16.10 19.28
CA LYS A 73 -5.33 -15.09 18.22
C LYS A 73 -6.41 -15.10 17.16
N GLN A 74 -7.66 -14.97 17.58
CA GLN A 74 -8.77 -14.99 16.64
C GLN A 74 -8.77 -13.72 15.82
N PRO A 75 -8.79 -13.84 14.49
CA PRO A 75 -8.68 -12.66 13.62
C PRO A 75 -10.02 -12.01 13.31
N PHE A 76 -10.00 -10.69 13.11
CA PHE A 76 -11.19 -9.97 12.70
C PHE A 76 -10.83 -8.86 11.76
N MET A 77 -11.79 -8.50 10.91
CA MET A 77 -11.70 -7.26 10.18
C MET A 77 -12.53 -6.18 10.90
N PHE A 78 -11.90 -5.08 11.29
CA PHE A 78 -12.61 -3.99 11.95
C PHE A 78 -12.75 -2.83 11.00
N ILE A 79 -13.83 -2.07 11.15
CA ILE A 79 -13.79 -0.68 10.67
C ILE A 79 -13.70 0.25 11.87
N PHE A 80 -13.10 1.42 11.69
CA PHE A 80 -13.00 2.43 12.76
C PHE A 80 -14.24 3.32 12.78
N ASP A 81 -14.69 3.69 13.97
CA ASP A 81 -15.75 4.68 14.11
C ASP A 81 -15.33 5.78 15.08
N THR A 82 -15.12 6.99 14.57
CA THR A 82 -14.67 8.08 15.42
C THR A 82 -15.82 8.67 16.23
N GLY A 83 -17.03 8.17 16.01
CA GLY A 83 -18.21 8.71 16.67
C GLY A 83 -18.67 7.98 17.92
N SER A 84 -18.01 6.89 18.28
CA SER A 84 -18.43 6.14 19.47
C SER A 84 -17.25 5.43 20.12
N ALA A 85 -17.48 4.94 21.34
CA ALA A 85 -16.42 4.32 22.14
C ALA A 85 -16.40 2.80 22.02
N ASN A 86 -17.48 2.24 21.49
CA ASN A 86 -17.69 0.80 21.59
C ASN A 86 -16.81 -0.02 20.67
N LEU A 87 -16.44 -1.21 21.13
CA LEU A 87 -15.82 -2.21 20.28
C LEU A 87 -16.71 -3.42 20.30
N TRP A 88 -17.05 -3.95 19.14
CA TRP A 88 -17.81 -5.21 19.11
C TRP A 88 -17.35 -6.14 18.01
N VAL A 89 -17.56 -7.44 18.23
CA VAL A 89 -17.32 -8.47 17.22
C VAL A 89 -18.51 -9.41 17.24
N PRO A 90 -18.75 -10.11 16.12
CA PRO A 90 -19.86 -11.07 16.12
C PRO A 90 -19.49 -12.36 16.85
N SER A 91 -20.46 -12.92 17.58
CA SER A 91 -20.30 -14.16 18.32
C SER A 91 -20.43 -15.40 17.44
N VAL A 92 -19.72 -16.46 17.81
CA VAL A 92 -19.97 -17.78 17.25
C VAL A 92 -21.43 -18.18 17.48
N ASN A 93 -22.08 -17.55 18.46
CA ASN A 93 -23.48 -17.82 18.78
C ASN A 93 -24.46 -16.97 17.97
N CYS A 94 -23.97 -16.14 17.07
CA CYS A 94 -24.84 -15.32 16.23
C CYS A 94 -25.45 -16.16 15.12
N ASP A 95 -26.78 -16.17 15.04
CA ASP A 95 -27.50 -17.01 14.06
C ASP A 95 -27.96 -16.23 12.84
N SER A 96 -27.74 -14.92 12.84
CA SER A 96 -28.12 -14.05 11.74
C SER A 96 -27.48 -14.52 10.45
N ILE A 97 -28.18 -14.41 9.32
CA ILE A 97 -27.58 -14.77 8.05
C ILE A 97 -26.44 -13.81 7.72
N GLY A 98 -26.50 -12.59 8.25
CA GLY A 98 -25.42 -11.64 8.09
C GLY A 98 -24.11 -12.11 8.71
N CYS A 99 -24.23 -12.89 9.78
CA CYS A 99 -23.06 -13.40 10.51
C CYS A 99 -22.44 -14.63 9.83
N SER A 100 -23.15 -15.22 8.88
CA SER A 100 -22.72 -16.51 8.33
C SER A 100 -21.46 -16.40 7.48
N THR A 101 -21.09 -15.17 7.12
CA THR A 101 -19.93 -14.94 6.26
C THR A 101 -18.81 -14.22 6.99
N LYS A 102 -18.96 -14.06 8.30
CA LYS A 102 -18.02 -13.24 9.07
C LYS A 102 -17.05 -14.11 9.87
N HIS A 103 -15.95 -13.50 10.31
CA HIS A 103 -15.09 -14.10 11.34
C HIS A 103 -15.78 -13.92 12.67
N LEU A 104 -15.94 -15.02 13.41
CA LEU A 104 -16.73 -15.01 14.62
C LEU A 104 -15.83 -15.16 15.85
N TYR A 105 -16.30 -14.63 16.98
CA TYR A 105 -15.55 -14.79 18.22
C TYR A 105 -16.04 -16.01 19.01
N ASP A 106 -15.11 -16.88 19.36
CA ASP A 106 -15.41 -18.10 20.12
C ASP A 106 -14.74 -18.03 21.50
N ALA A 107 -15.51 -17.59 22.49
CA ALA A 107 -15.00 -17.45 23.86
C ALA A 107 -14.41 -18.75 24.39
N SER A 108 -15.05 -19.88 24.06
CA SER A 108 -14.64 -21.17 24.59
C SER A 108 -13.23 -21.55 24.16
N ALA A 109 -12.74 -20.94 23.07
CA ALA A 109 -11.42 -21.26 22.53
C ALA A 109 -10.31 -20.39 23.11
N SER A 110 -10.67 -19.38 23.90
CA SER A 110 -9.68 -18.46 24.47
C SER A 110 -9.55 -18.64 25.99
N LYS A 111 -8.35 -18.94 26.44
CA LYS A 111 -8.13 -19.14 27.88
C LYS A 111 -8.21 -17.83 28.68
N SER A 112 -8.11 -16.69 27.98
CA SER A 112 -8.11 -15.39 28.65
C SER A 112 -9.50 -14.73 28.65
N TYR A 113 -10.47 -15.41 28.06
CA TYR A 113 -11.86 -14.96 28.12
C TYR A 113 -12.36 -14.87 29.57
N GLU A 114 -13.00 -13.75 29.88
CA GLU A 114 -13.66 -13.55 31.16
C GLU A 114 -15.11 -13.25 30.92
N LYS A 115 -15.99 -14.10 31.44
CA LYS A 115 -17.43 -13.95 31.24
C LYS A 115 -17.98 -12.68 31.88
N ASP A 116 -18.93 -12.05 31.19
CA ASP A 116 -19.76 -11.02 31.79
C ASP A 116 -21.21 -11.42 31.60
N GLY A 117 -21.70 -11.28 30.36
CA GLY A 117 -23.02 -11.79 30.01
C GLY A 117 -24.15 -10.78 30.05
N THR A 118 -23.85 -9.57 30.51
CA THR A 118 -24.86 -8.51 30.56
C THR A 118 -25.40 -8.21 29.17
N LYS A 119 -26.71 -8.40 28.98
CA LYS A 119 -27.36 -8.14 27.70
C LYS A 119 -27.28 -6.68 27.35
N VAL A 120 -27.07 -6.38 26.07
CA VAL A 120 -26.82 -5.02 25.63
C VAL A 120 -27.17 -4.85 24.15
N GLU A 121 -27.59 -3.65 23.77
CA GLU A 121 -27.77 -3.33 22.37
C GLU A 121 -27.23 -1.95 22.09
N ILE A 122 -26.67 -1.77 20.89
CA ILE A 122 -26.18 -0.47 20.48
C ILE A 122 -26.64 -0.16 19.06
N SER A 123 -26.86 1.11 18.79
CA SER A 123 -27.40 1.53 17.50
C SER A 123 -26.50 2.54 16.80
N TYR A 124 -26.15 2.23 15.55
CA TYR A 124 -25.42 3.17 14.72
C TYR A 124 -26.39 3.86 13.77
N GLY A 125 -25.86 4.65 12.85
CA GLY A 125 -26.68 5.27 11.83
C GLY A 125 -27.23 4.24 10.86
N SER A 126 -26.46 3.18 10.65
CA SER A 126 -26.83 2.14 9.68
C SER A 126 -27.58 0.97 10.32
N GLY A 127 -27.87 1.08 11.61
CA GLY A 127 -28.67 0.07 12.28
C GLY A 127 -28.26 -0.30 13.70
N THR A 128 -28.80 -1.42 14.17
CA THR A 128 -28.68 -1.86 15.56
C THR A 128 -28.10 -3.26 15.66
N VAL A 129 -27.18 -3.48 16.60
CA VAL A 129 -26.75 -4.83 16.93
C VAL A 129 -27.00 -5.13 18.41
N ARG A 130 -27.25 -6.40 18.71
CA ARG A 130 -27.54 -6.82 20.08
C ARG A 130 -26.64 -7.98 20.49
N GLY A 131 -26.36 -8.06 21.78
CA GLY A 131 -25.55 -9.13 22.31
C GLY A 131 -25.30 -8.97 23.79
N TYR A 132 -24.08 -9.24 24.21
CA TYR A 132 -23.74 -9.15 25.63
C TYR A 132 -22.26 -8.84 25.81
N PHE A 133 -21.92 -8.33 26.99
CA PHE A 133 -20.53 -8.00 27.26
C PHE A 133 -19.68 -9.24 27.50
N SER A 134 -18.44 -9.15 27.03
CA SER A 134 -17.43 -10.17 27.25
C SER A 134 -16.08 -9.49 27.42
N LYS A 135 -15.16 -10.13 28.11
CA LYS A 135 -13.85 -9.53 28.26
C LYS A 135 -12.80 -10.51 27.77
N ASP A 136 -11.82 -10.01 27.04
CA ASP A 136 -10.71 -10.83 26.58
C ASP A 136 -9.55 -9.91 26.16
N VAL A 137 -8.40 -10.49 25.87
CA VAL A 137 -7.25 -9.69 25.50
C VAL A 137 -7.29 -9.35 24.01
N ILE A 138 -7.31 -8.06 23.71
CA ILE A 138 -7.35 -7.58 22.33
C ILE A 138 -5.97 -7.05 21.97
N SER A 139 -5.46 -7.49 20.82
CA SER A 139 -4.15 -7.07 20.34
C SER A 139 -4.30 -6.22 19.09
N LEU A 140 -3.62 -5.09 19.11
CA LEU A 140 -3.57 -4.16 18.00
C LEU A 140 -2.11 -3.82 17.80
N GLY A 141 -1.48 -4.40 16.79
CA GLY A 141 -0.05 -4.21 16.61
C GLY A 141 0.69 -4.73 17.82
N ASP A 142 1.64 -3.94 18.33
CA ASP A 142 2.40 -4.38 19.50
C ASP A 142 1.71 -3.99 20.83
N LEU A 143 0.47 -3.54 20.76
CA LEU A 143 -0.32 -3.28 21.97
C LEU A 143 -1.27 -4.43 22.27
N SER A 144 -1.41 -4.79 23.55
CA SER A 144 -2.37 -5.82 23.95
C SER A 144 -2.97 -5.45 25.30
N LEU A 145 -4.27 -5.63 25.46
CA LEU A 145 -4.89 -5.39 26.76
C LEU A 145 -6.18 -6.16 26.95
N PRO A 146 -6.47 -6.55 28.19
CA PRO A 146 -7.80 -7.06 28.52
C PRO A 146 -8.81 -5.93 28.41
N TYR A 147 -9.88 -6.17 27.66
CA TYR A 147 -10.82 -5.13 27.33
C TYR A 147 -12.25 -5.69 27.28
N LYS A 148 -13.19 -4.93 27.80
CA LYS A 148 -14.59 -5.35 27.84
C LYS A 148 -15.30 -4.89 26.57
N PHE A 149 -15.66 -5.84 25.72
CA PHE A 149 -16.28 -5.53 24.44
C PHE A 149 -17.65 -6.19 24.36
N ILE A 150 -18.37 -5.92 23.27
CA ILE A 150 -19.67 -6.50 23.06
C ILE A 150 -19.56 -7.67 22.08
N GLU A 151 -20.09 -8.81 22.50
CA GLU A 151 -20.19 -10.00 21.67
C GLU A 151 -21.58 -9.99 21.06
N VAL A 152 -21.66 -9.79 19.74
CA VAL A 152 -22.96 -9.62 19.08
C VAL A 152 -23.55 -10.96 18.67
N THR A 153 -24.79 -11.20 19.11
CA THR A 153 -25.48 -12.45 18.80
C THR A 153 -26.67 -12.23 17.85
N ASP A 154 -27.02 -10.96 17.62
CA ASP A 154 -28.11 -10.61 16.72
C ASP A 154 -27.75 -9.38 15.90
N ALA A 155 -27.47 -9.60 14.61
CA ALA A 155 -27.12 -8.49 13.72
C ALA A 155 -28.16 -8.30 12.63
N ASP A 156 -29.37 -8.79 12.87
CA ASP A 156 -30.47 -8.71 11.91
C ASP A 156 -30.81 -7.27 11.55
N ASP A 157 -30.67 -6.36 12.52
CA ASP A 157 -31.05 -4.98 12.29
C ASP A 157 -29.90 -4.11 11.81
N LEU A 158 -28.80 -4.74 11.42
CA LEU A 158 -27.71 -4.03 10.78
C LEU A 158 -27.72 -4.32 9.27
N GLU A 159 -28.85 -4.81 8.80
CA GLU A 159 -29.05 -5.05 7.38
C GLU A 159 -29.59 -3.79 6.68
N PRO A 160 -29.23 -3.60 5.40
CA PRO A 160 -28.47 -4.51 4.53
C PRO A 160 -26.97 -4.26 4.51
N ILE A 161 -26.51 -3.29 5.31
CA ILE A 161 -25.11 -2.91 5.30
C ILE A 161 -24.18 -4.08 5.71
N TYR A 162 -24.58 -4.83 6.73
CA TYR A 162 -23.67 -5.81 7.33
C TYR A 162 -23.33 -6.95 6.37
N SER A 163 -24.34 -7.60 5.82
CA SER A 163 -24.11 -8.70 4.91
C SER A 163 -23.45 -8.22 3.61
N GLY A 164 -23.60 -6.93 3.32
CA GLY A 164 -23.05 -6.38 2.09
C GLY A 164 -21.72 -5.65 2.27
N SER A 165 -21.15 -5.75 3.47
CA SER A 165 -19.86 -5.11 3.74
C SER A 165 -18.84 -6.14 4.21
N GLU A 166 -17.57 -5.77 4.13
CA GLU A 166 -16.51 -6.73 4.38
C GLU A 166 -15.93 -6.64 5.79
N PHE A 167 -16.61 -5.96 6.70
CA PHE A 167 -16.09 -5.92 8.09
C PHE A 167 -16.84 -6.90 8.99
N ASP A 168 -16.17 -7.28 10.08
CA ASP A 168 -16.77 -8.16 11.09
C ASP A 168 -17.33 -7.34 12.23
N GLY A 169 -16.54 -6.36 12.67
CA GLY A 169 -16.92 -5.56 13.81
C GLY A 169 -16.47 -4.13 13.71
N ILE A 170 -16.72 -3.37 14.76
CA ILE A 170 -16.41 -1.95 14.74
C ILE A 170 -15.55 -1.62 15.97
N LEU A 171 -14.53 -0.79 15.75
CA LEU A 171 -13.63 -0.38 16.83
C LEU A 171 -13.77 1.13 17.04
N GLY A 172 -14.21 1.52 18.23
CA GLY A 172 -14.51 2.91 18.51
C GLY A 172 -13.34 3.82 18.84
N LEU A 173 -13.28 4.96 18.14
CA LEU A 173 -12.25 5.97 18.36
C LEU A 173 -12.87 7.29 18.84
N GLY A 174 -14.10 7.20 19.35
CA GLY A 174 -14.81 8.32 19.91
C GLY A 174 -14.89 8.28 21.42
N TRP A 175 -15.96 8.86 21.97
CA TRP A 175 -16.11 9.07 23.41
C TRP A 175 -17.28 8.29 24.01
N LYS A 176 -18.37 8.21 23.25
CA LYS A 176 -19.65 7.81 23.82
C LYS A 176 -19.89 6.31 23.78
N ASP A 177 -20.14 5.73 24.96
CA ASP A 177 -20.63 4.36 25.04
C ASP A 177 -22.09 4.34 24.64
N LEU A 178 -22.38 3.70 23.52
CA LEU A 178 -23.73 3.66 22.97
C LEU A 178 -24.67 2.77 23.77
N SER A 179 -24.12 2.06 24.73
CA SER A 179 -24.89 1.12 25.53
C SER A 179 -25.31 1.71 26.87
N ILE A 180 -25.97 0.88 27.68
CA ILE A 180 -26.35 1.24 29.03
C ILE A 180 -25.10 1.42 29.90
N GLY A 181 -24.06 0.64 29.61
CA GLY A 181 -22.81 0.74 30.34
C GLY A 181 -22.05 2.03 30.04
N SER A 182 -20.95 2.23 30.76
CA SER A 182 -20.09 3.38 30.53
C SER A 182 -18.64 2.93 30.36
N ILE A 183 -18.40 2.12 29.32
CA ILE A 183 -17.07 1.57 29.10
C ILE A 183 -16.19 2.55 28.33
N ASP A 184 -15.01 2.84 28.87
CA ASP A 184 -14.05 3.71 28.19
C ASP A 184 -13.64 3.14 26.83
N PRO A 185 -13.43 4.02 25.84
CA PRO A 185 -12.94 3.57 24.53
C PRO A 185 -11.52 2.99 24.68
N VAL A 186 -11.11 2.15 23.73
CA VAL A 186 -9.87 1.39 23.89
C VAL A 186 -8.62 2.27 24.08
N VAL A 187 -8.53 3.42 23.42
CA VAL A 187 -7.36 4.27 23.63
C VAL A 187 -7.29 4.80 25.08
N VAL A 188 -8.43 5.17 25.65
CA VAL A 188 -8.45 5.63 27.02
C VAL A 188 -8.07 4.47 27.96
N GLU A 189 -8.57 3.28 27.65
CA GLU A 189 -8.30 2.12 28.50
C GLU A 189 -6.82 1.73 28.44
N LEU A 190 -6.21 1.84 27.26
CA LEU A 190 -4.78 1.59 27.11
C LEU A 190 -3.95 2.48 28.04
N LYS A 191 -4.31 3.76 28.08
CA LYS A 191 -3.65 4.71 28.97
C LYS A 191 -3.88 4.38 30.45
N LYS A 192 -5.13 4.04 30.80
CA LYS A 192 -5.46 3.66 32.18
C LYS A 192 -4.62 2.49 32.68
N GLN A 193 -4.37 1.54 31.79
CA GLN A 193 -3.55 0.38 32.08
C GLN A 193 -2.06 0.62 31.87
N ASN A 194 -1.67 1.89 31.65
CA ASN A 194 -0.27 2.27 31.54
C ASN A 194 0.43 1.59 30.36
N LYS A 195 -0.29 1.40 29.25
CA LYS A 195 0.27 0.73 28.08
C LYS A 195 0.68 1.68 26.96
N ILE A 196 0.26 2.94 27.07
CA ILE A 196 0.66 3.97 26.13
C ILE A 196 0.98 5.24 26.90
N ASP A 197 1.70 6.18 26.29
CA ASP A 197 2.17 7.35 27.02
C ASP A 197 1.06 8.33 27.37
N ASN A 198 0.14 8.55 26.42
CA ASN A 198 -0.96 9.47 26.64
C ASN A 198 -2.22 8.97 25.99
N ALA A 199 -3.38 9.29 26.53
CA ALA A 199 -4.63 8.89 25.89
C ALA A 199 -4.92 9.78 24.69
N LEU A 200 -4.24 9.49 23.59
CA LEU A 200 -4.43 10.22 22.34
C LEU A 200 -4.16 9.32 21.15
N PHE A 201 -4.71 9.67 20.00
CA PHE A 201 -4.33 9.01 18.77
C PHE A 201 -4.19 10.07 17.69
N THR A 202 -3.49 9.73 16.62
CA THR A 202 -3.33 10.66 15.48
C THR A 202 -3.68 9.98 14.17
N PHE A 203 -4.06 10.78 13.18
CA PHE A 203 -4.30 10.30 11.82
C PHE A 203 -3.34 10.97 10.85
N TYR A 204 -2.61 10.16 10.09
CA TYR A 204 -1.77 10.66 9.00
C TYR A 204 -2.30 10.05 7.73
N LEU A 205 -2.79 10.88 6.81
CA LEU A 205 -3.40 10.38 5.58
C LEU A 205 -2.58 10.90 4.42
N PRO A 206 -1.70 10.06 3.87
CA PRO A 206 -0.75 10.52 2.85
C PRO A 206 -1.44 11.09 1.62
N VAL A 207 -1.00 12.27 1.21
CA VAL A 207 -1.66 12.95 0.12
C VAL A 207 -1.56 12.13 -1.18
N HIS A 208 -0.48 11.37 -1.32
CA HIS A 208 -0.21 10.65 -2.56
C HIS A 208 -0.96 9.32 -2.68
N ASP A 209 -1.58 8.85 -1.59
CA ASP A 209 -2.33 7.58 -1.66
C ASP A 209 -3.63 7.67 -0.88
N LYS A 210 -4.72 7.96 -1.59
CA LYS A 210 -6.00 8.21 -0.98
C LYS A 210 -6.71 6.95 -0.46
N HIS A 211 -6.11 5.79 -0.70
CA HIS A 211 -6.71 4.54 -0.21
C HIS A 211 -6.08 4.04 1.06
N VAL A 212 -5.17 4.81 1.65
CA VAL A 212 -4.51 4.38 2.87
C VAL A 212 -4.49 5.50 3.90
N GLY A 213 -4.34 5.09 5.16
CA GLY A 213 -4.11 6.02 6.25
C GLY A 213 -3.34 5.32 7.36
N TYR A 214 -2.84 6.11 8.31
CA TYR A 214 -2.11 5.56 9.44
C TYR A 214 -2.66 6.14 10.73
N LEU A 215 -2.94 5.22 11.66
CA LEU A 215 -3.42 5.56 12.98
C LEU A 215 -2.30 5.31 13.98
N THR A 216 -1.90 6.35 14.70
CA THR A 216 -0.86 6.20 15.70
C THR A 216 -1.48 6.37 17.08
N ILE A 217 -1.14 5.46 17.99
CA ILE A 217 -1.77 5.45 19.30
C ILE A 217 -0.75 5.73 20.40
N GLY A 218 -1.04 6.72 21.22
CA GLY A 218 -0.29 6.94 22.46
C GLY A 218 0.64 8.14 22.45
N GLY A 219 0.91 8.70 21.28
CA GLY A 219 1.81 9.84 21.21
C GLY A 219 1.95 10.37 19.80
N ILE A 220 2.65 11.50 19.68
CA ILE A 220 2.78 12.22 18.43
C ILE A 220 4.14 11.99 17.78
N GLU A 221 4.14 11.51 16.55
CA GLU A 221 5.37 11.33 15.78
C GLU A 221 5.61 12.60 14.99
N SER A 222 6.63 13.37 15.39
CA SER A 222 6.86 14.65 14.71
C SER A 222 7.26 14.50 13.22
N ASP A 223 7.71 13.31 12.81
CA ASP A 223 7.98 13.04 11.40
C ASP A 223 6.76 13.18 10.49
N PHE A 224 5.56 13.12 11.07
CA PHE A 224 4.35 13.25 10.28
C PHE A 224 3.98 14.67 9.88
N TYR A 225 4.59 15.68 10.52
CA TYR A 225 4.16 17.05 10.21
C TYR A 225 5.32 18.03 10.16
N GLU A 226 5.03 19.22 9.66
CA GLU A 226 5.99 20.30 9.68
C GLU A 226 5.32 21.57 10.17
N GLY A 227 6.08 22.42 10.85
CA GLY A 227 5.54 23.68 11.28
C GLY A 227 4.75 23.54 12.57
N PRO A 228 4.00 24.59 12.94
CA PRO A 228 3.22 24.62 14.18
C PRO A 228 2.19 23.51 14.33
N LEU A 229 2.08 23.01 15.55
CA LEU A 229 1.00 22.13 15.95
C LEU A 229 0.09 22.94 16.87
N THR A 230 -1.16 23.12 16.47
CA THR A 230 -2.06 24.00 17.22
C THR A 230 -3.32 23.26 17.65
N TYR A 231 -3.79 23.55 18.86
CA TYR A 231 -4.91 22.83 19.43
C TYR A 231 -6.18 23.65 19.49
N GLU A 232 -7.30 22.95 19.28
CA GLU A 232 -8.63 23.53 19.44
C GLU A 232 -9.44 22.72 20.46
N LYS A 233 -9.99 23.40 21.45
CA LYS A 233 -10.81 22.73 22.46
C LYS A 233 -12.11 22.17 21.87
N LEU A 234 -12.52 20.98 22.28
CA LEU A 234 -13.80 20.44 21.84
C LEU A 234 -14.95 21.30 22.35
N ASN A 235 -15.99 21.43 21.54
CA ASN A 235 -17.16 22.20 21.95
C ASN A 235 -18.26 21.30 22.51
N HIS A 236 -17.94 20.01 22.62
CA HIS A 236 -18.89 19.00 23.08
C HIS A 236 -18.13 17.96 23.91
N ASP A 237 -18.79 17.39 24.90
CA ASP A 237 -18.18 16.42 25.79
C ASP A 237 -17.97 15.05 25.15
N LEU A 238 -18.70 14.77 24.07
CA LEU A 238 -18.78 13.40 23.55
C LEU A 238 -18.33 13.23 22.09
N TYR A 239 -17.98 14.30 21.40
CA TYR A 239 -17.63 14.17 19.99
C TYR A 239 -16.42 15.03 19.62
N TRP A 240 -15.64 14.56 18.65
CA TRP A 240 -14.50 15.32 18.16
C TRP A 240 -14.98 16.45 17.26
N GLN A 241 -15.46 17.52 17.87
CA GLN A 241 -15.91 18.68 17.09
C GLN A 241 -15.52 19.95 17.80
N ILE A 242 -15.34 21.00 17.02
CA ILE A 242 -14.80 22.26 17.50
C ILE A 242 -15.54 23.44 16.88
N ASP A 243 -15.40 24.62 17.47
CA ASP A 243 -15.96 25.85 16.89
C ASP A 243 -15.02 26.44 15.84
N LEU A 244 -15.56 26.76 14.67
CA LEU A 244 -14.78 27.44 13.63
C LEU A 244 -15.67 28.42 12.86
N ASP A 245 -15.09 29.56 12.49
CA ASP A 245 -15.67 30.43 11.47
C ASP A 245 -15.25 29.88 10.12
N ILE A 246 -16.21 29.50 9.28
CA ILE A 246 -15.85 28.82 8.05
C ILE A 246 -16.14 29.70 6.83
N HIS A 247 -15.13 29.86 5.99
CA HIS A 247 -15.24 30.69 4.79
C HIS A 247 -15.18 29.84 3.53
N PHE A 248 -16.26 29.84 2.76
CA PHE A 248 -16.24 29.31 1.39
C PHE A 248 -16.32 30.51 0.45
N GLY A 249 -15.17 31.02 0.02
CA GLY A 249 -15.17 32.29 -0.70
C GLY A 249 -15.79 33.38 0.17
N LYS A 250 -16.70 34.15 -0.41
CA LYS A 250 -17.33 35.26 0.29
C LYS A 250 -18.41 34.83 1.29
N TYR A 251 -18.78 33.55 1.26
CA TYR A 251 -19.78 33.03 2.19
C TYR A 251 -19.15 32.55 3.50
N VAL A 252 -19.65 33.08 4.60
CA VAL A 252 -19.08 32.81 5.92
C VAL A 252 -20.15 32.36 6.89
N MET A 253 -19.87 31.28 7.61
CA MET A 253 -20.70 30.92 8.75
C MET A 253 -19.88 31.05 10.02
N GLN A 254 -20.25 32.02 10.85
CA GLN A 254 -19.50 32.27 12.08
C GLN A 254 -19.87 31.25 13.17
N LYS A 255 -18.86 30.80 13.90
CA LYS A 255 -19.03 29.86 15.00
C LYS A 255 -19.82 28.64 14.54
N ALA A 256 -19.39 28.07 13.43
CA ALA A 256 -19.97 26.83 12.96
C ALA A 256 -19.48 25.70 13.85
N ASN A 257 -20.17 24.57 13.77
CA ASN A 257 -19.74 23.35 14.40
C ASN A 257 -19.00 22.51 13.37
N ALA A 258 -17.72 22.26 13.62
CA ALA A 258 -16.91 21.50 12.69
C ALA A 258 -16.54 20.16 13.30
N VAL A 259 -17.08 19.09 12.72
CA VAL A 259 -16.75 17.74 13.11
C VAL A 259 -15.50 17.31 12.36
N VAL A 260 -14.51 16.77 13.07
CA VAL A 260 -13.29 16.31 12.43
C VAL A 260 -13.37 14.79 12.30
N ASP A 261 -13.45 14.28 11.07
CA ASP A 261 -13.73 12.86 10.88
C ASP A 261 -13.11 12.27 9.62
N SER A 262 -12.08 11.44 9.79
CA SER A 262 -11.45 10.77 8.65
C SER A 262 -12.37 9.71 8.05
N GLY A 263 -13.46 9.38 8.74
CA GLY A 263 -14.45 8.46 8.20
C GLY A 263 -15.46 9.09 7.24
N THR A 264 -15.29 10.37 6.99
CA THR A 264 -16.12 11.09 6.02
C THR A 264 -15.24 11.41 4.80
N SER A 265 -15.73 11.11 3.60
CA SER A 265 -14.87 11.14 2.42
C SER A 265 -14.67 12.53 1.83
N THR A 266 -15.49 13.49 2.25
CA THR A 266 -15.45 14.85 1.72
C THR A 266 -15.52 15.87 2.84
N ILE A 267 -15.32 17.14 2.49
CA ILE A 267 -15.85 18.22 3.31
C ILE A 267 -17.37 18.16 3.15
N THR A 268 -18.12 18.38 4.22
CA THR A 268 -19.55 18.54 4.08
C THR A 268 -19.99 19.87 4.67
N ALA A 269 -21.07 20.41 4.11
CA ALA A 269 -21.61 21.69 4.55
C ALA A 269 -23.14 21.65 4.47
N PRO A 270 -23.82 22.49 5.28
CA PRO A 270 -25.27 22.61 5.16
C PRO A 270 -25.65 22.94 3.70
N THR A 271 -26.71 22.30 3.21
CA THR A 271 -27.09 22.40 1.81
C THR A 271 -27.29 23.86 1.36
N SER A 272 -28.03 24.62 2.15
CA SER A 272 -28.31 26.00 1.77
C SER A 272 -27.04 26.84 1.66
N PHE A 273 -26.06 26.56 2.52
CA PHE A 273 -24.79 27.28 2.51
C PHE A 273 -23.99 26.91 1.27
N LEU A 274 -23.83 25.61 1.04
CA LEU A 274 -22.99 25.12 -0.04
C LEU A 274 -23.55 25.45 -1.41
N ASN A 275 -24.87 25.44 -1.54
CA ASN A 275 -25.48 25.72 -2.84
C ASN A 275 -25.23 27.16 -3.29
N LYS A 276 -25.08 28.07 -2.35
CA LYS A 276 -24.79 29.46 -2.71
C LYS A 276 -23.37 29.56 -3.28
N PHE A 277 -22.46 28.82 -2.65
CA PHE A 277 -21.07 28.73 -3.08
C PHE A 277 -20.96 28.05 -4.45
N PHE A 278 -21.62 26.91 -4.61
CA PHE A 278 -21.53 26.18 -5.86
C PHE A 278 -22.12 26.94 -7.04
N ARG A 279 -23.23 27.64 -6.80
CA ARG A 279 -23.83 28.44 -7.86
C ARG A 279 -22.85 29.49 -8.37
N ASP A 280 -22.15 30.13 -7.46
CA ASP A 280 -21.20 31.17 -7.86
C ASP A 280 -19.99 30.60 -8.59
N MET A 281 -19.66 29.35 -8.29
CA MET A 281 -18.44 28.72 -8.79
C MET A 281 -18.68 27.89 -10.05
N ASN A 282 -19.90 27.93 -10.57
CA ASN A 282 -20.27 27.13 -11.73
C ASN A 282 -20.00 25.64 -11.50
N VAL A 283 -20.39 25.18 -10.32
CA VAL A 283 -20.37 23.76 -10.01
C VAL A 283 -21.77 23.19 -10.20
N ILE A 284 -21.89 22.06 -10.87
CA ILE A 284 -23.20 21.45 -11.05
C ILE A 284 -23.21 20.01 -10.55
N LYS A 285 -24.40 19.55 -10.14
CA LYS A 285 -24.57 18.15 -9.82
C LYS A 285 -25.02 17.40 -11.08
N VAL A 286 -24.39 16.25 -11.34
CA VAL A 286 -24.87 15.38 -12.41
C VAL A 286 -26.16 14.75 -11.92
N PRO A 287 -27.25 14.89 -12.68
CA PRO A 287 -28.52 14.31 -12.24
C PRO A 287 -28.42 12.82 -11.91
N PHE A 288 -28.82 12.50 -10.68
CA PHE A 288 -28.88 11.14 -10.12
C PHE A 288 -27.56 10.38 -10.10
N LEU A 289 -26.46 11.11 -10.09
CA LEU A 289 -25.17 10.55 -9.74
C LEU A 289 -24.57 11.42 -8.64
N PRO A 290 -23.94 10.79 -7.65
CA PRO A 290 -23.33 11.54 -6.54
C PRO A 290 -22.04 12.22 -6.94
N LEU A 291 -22.14 13.14 -7.90
CA LEU A 291 -20.99 13.78 -8.50
C LEU A 291 -21.27 15.26 -8.69
N TYR A 292 -20.45 16.09 -8.07
CA TYR A 292 -20.48 17.52 -8.33
C TYR A 292 -19.25 17.88 -9.14
N VAL A 293 -19.46 18.55 -10.26
CA VAL A 293 -18.45 18.66 -11.30
C VAL A 293 -18.26 20.10 -11.75
N THR A 294 -17.02 20.45 -12.08
CA THR A 294 -16.69 21.72 -12.72
C THR A 294 -15.46 21.52 -13.60
N THR A 295 -14.99 22.58 -14.24
CA THR A 295 -13.76 22.49 -15.01
C THR A 295 -12.55 22.54 -14.09
N CYS A 296 -11.51 21.79 -14.42
CA CYS A 296 -10.30 21.79 -13.62
C CYS A 296 -9.59 23.14 -13.61
N ASP A 297 -9.73 23.91 -14.69
CA ASP A 297 -9.04 25.19 -14.77
C ASP A 297 -9.89 26.34 -14.23
N ASN A 298 -10.96 25.98 -13.53
CA ASN A 298 -11.83 26.95 -12.85
C ASN A 298 -11.03 27.84 -11.93
N ASP A 299 -10.81 29.09 -12.30
CA ASP A 299 -9.97 29.94 -11.48
C ASP A 299 -10.76 30.88 -10.58
N ASP A 300 -12.05 30.60 -10.40
CA ASP A 300 -12.81 31.29 -9.36
C ASP A 300 -12.73 30.55 -8.01
N LEU A 301 -12.41 29.26 -8.06
CA LEU A 301 -12.42 28.43 -6.85
C LEU A 301 -11.38 28.92 -5.84
N PRO A 302 -11.84 29.24 -4.63
CA PRO A 302 -10.97 29.83 -3.61
C PRO A 302 -10.35 28.81 -2.68
N THR A 303 -9.33 29.26 -1.96
CA THR A 303 -8.83 28.51 -0.83
C THR A 303 -9.84 28.67 0.32
N LEU A 304 -10.37 27.54 0.82
CA LEU A 304 -11.31 27.59 1.95
C LEU A 304 -10.60 28.04 3.21
N GLU A 305 -11.30 28.72 4.10
CA GLU A 305 -10.68 29.17 5.35
C GLU A 305 -11.47 28.71 6.56
N PHE A 306 -10.75 28.40 7.63
CA PHE A 306 -11.35 27.94 8.86
C PHE A 306 -10.64 28.65 10.00
N HIS A 307 -11.35 29.57 10.65
CA HIS A 307 -10.76 30.40 11.71
C HIS A 307 -11.25 30.04 13.09
N SER A 308 -10.32 29.84 14.01
CA SER A 308 -10.65 29.76 15.41
C SER A 308 -10.26 31.05 16.12
N ARG A 309 -10.37 31.05 17.44
CA ARG A 309 -9.96 32.18 18.25
C ARG A 309 -8.52 32.58 17.95
N ASN A 310 -7.64 31.58 17.84
CA ASN A 310 -6.21 31.85 17.76
C ASN A 310 -5.55 31.43 16.46
N ASN A 311 -6.20 30.55 15.71
CA ASN A 311 -5.56 29.92 14.57
C ASN A 311 -6.36 30.06 13.29
N LYS A 312 -5.69 29.81 12.17
CA LYS A 312 -6.34 29.89 10.87
C LYS A 312 -5.89 28.73 10.00
N TYR A 313 -6.85 27.94 9.55
CA TYR A 313 -6.56 26.78 8.71
C TYR A 313 -7.10 27.07 7.32
N THR A 314 -6.44 26.52 6.31
CA THR A 314 -6.85 26.78 4.92
C THR A 314 -6.82 25.51 4.11
N LEU A 315 -7.65 25.46 3.08
CA LEU A 315 -7.66 24.29 2.22
C LEU A 315 -7.74 24.71 0.76
N GLU A 316 -6.61 24.58 0.07
CA GLU A 316 -6.47 24.95 -1.33
C GLU A 316 -7.28 24.02 -2.24
N PRO A 317 -7.69 24.52 -3.41
CA PRO A 317 -8.48 23.74 -4.39
C PRO A 317 -7.88 22.40 -4.73
N GLU A 318 -6.55 22.32 -4.81
CA GLU A 318 -5.91 21.04 -5.14
C GLU A 318 -6.28 19.94 -4.15
N PHE A 319 -6.68 20.30 -2.93
CA PHE A 319 -7.11 19.29 -1.96
C PHE A 319 -8.58 18.90 -2.06
N TYR A 320 -9.43 19.75 -2.63
CA TYR A 320 -10.85 19.41 -2.64
C TYR A 320 -11.39 19.18 -4.06
N MET A 321 -10.47 19.02 -5.00
CA MET A 321 -10.79 18.75 -6.40
C MET A 321 -9.98 17.57 -6.89
N ASP A 322 -10.54 16.80 -7.81
CA ASP A 322 -9.78 15.74 -8.46
C ASP A 322 -10.31 15.58 -9.88
N PRO A 323 -9.40 15.49 -10.86
CA PRO A 323 -9.83 15.33 -12.26
C PRO A 323 -10.46 13.97 -12.52
N LEU A 324 -11.48 13.97 -13.36
CA LEU A 324 -12.14 12.74 -13.79
C LEU A 324 -11.36 12.16 -14.96
N SER A 325 -10.18 11.62 -14.67
CA SER A 325 -9.20 11.25 -15.70
C SER A 325 -9.71 10.22 -16.71
N ASP A 326 -10.59 9.33 -16.27
CA ASP A 326 -11.09 8.29 -17.17
C ASP A 326 -12.37 8.73 -17.90
N ILE A 327 -12.85 9.92 -17.62
CA ILE A 327 -14.03 10.46 -18.30
C ILE A 327 -13.63 11.65 -19.19
N ASP A 328 -13.10 12.70 -18.55
CA ASP A 328 -12.55 13.87 -19.23
C ASP A 328 -11.64 14.60 -18.25
N PRO A 329 -10.31 14.55 -18.49
CA PRO A 329 -9.34 15.15 -17.56
C PRO A 329 -9.55 16.65 -17.35
N ALA A 330 -10.28 17.29 -18.25
CA ALA A 330 -10.58 18.71 -18.11
C ALA A 330 -11.69 18.93 -17.10
N LEU A 331 -12.37 17.86 -16.71
CA LEU A 331 -13.44 17.96 -15.72
C LEU A 331 -12.96 17.42 -14.38
N CYS A 332 -13.30 18.13 -13.32
CA CYS A 332 -12.94 17.72 -11.97
C CYS A 332 -14.17 17.42 -11.13
N MET A 333 -14.06 16.47 -10.21
CA MET A 333 -15.13 16.29 -9.24
C MET A 333 -14.75 17.03 -7.97
N LEU A 334 -15.75 17.53 -7.25
CA LEU A 334 -15.46 18.23 -5.99
C LEU A 334 -15.65 17.34 -4.80
N TYR A 335 -14.78 17.50 -3.80
CA TYR A 335 -14.89 16.75 -2.55
C TYR A 335 -15.47 17.68 -1.48
N ILE A 336 -16.52 18.39 -1.87
CA ILE A 336 -17.32 19.17 -0.94
C ILE A 336 -18.76 18.83 -1.27
N LEU A 337 -19.49 18.27 -0.31
CA LEU A 337 -20.86 17.81 -0.59
C LEU A 337 -21.83 18.34 0.44
N PRO A 338 -23.09 18.53 0.05
CA PRO A 338 -24.11 19.01 1.00
C PRO A 338 -24.64 17.90 1.91
N VAL A 339 -24.47 18.08 3.22
CA VAL A 339 -25.08 17.19 4.19
C VAL A 339 -25.72 18.02 5.29
N ASP A 340 -27.00 17.79 5.55
CA ASP A 340 -27.70 18.52 6.59
C ASP A 340 -27.78 17.71 7.87
N ILE A 341 -26.92 18.06 8.82
CA ILE A 341 -26.93 17.46 10.14
C ILE A 341 -27.75 18.34 11.06
N ASP A 342 -27.38 19.61 11.11
CA ASP A 342 -28.26 20.65 11.65
C ASP A 342 -27.99 21.96 10.94
N ASP A 343 -28.29 23.08 11.59
CA ASP A 343 -28.19 24.38 10.95
C ASP A 343 -26.74 24.82 10.68
N ASN A 344 -25.81 24.39 11.51
CA ASN A 344 -24.45 24.90 11.34
C ASN A 344 -23.32 23.86 11.40
N THR A 345 -23.63 22.59 11.19
CA THR A 345 -22.60 21.57 11.28
C THR A 345 -21.94 21.25 9.93
N PHE A 346 -20.62 21.35 9.91
CA PHE A 346 -19.77 20.96 8.78
C PHE A 346 -18.97 19.75 9.20
N ILE A 347 -18.55 18.93 8.24
CA ILE A 347 -17.62 17.86 8.56
C ILE A 347 -16.30 18.11 7.83
N LEU A 348 -15.22 18.17 8.60
CA LEU A 348 -13.89 18.22 8.02
C LEU A 348 -13.43 16.80 7.80
N GLY A 349 -13.73 16.26 6.63
CA GLY A 349 -13.41 14.89 6.33
C GLY A 349 -12.06 14.73 5.65
N ASP A 350 -11.96 13.65 4.89
CA ASP A 350 -10.71 13.23 4.24
C ASP A 350 -9.89 14.35 3.54
N PRO A 351 -10.50 15.18 2.69
CA PRO A 351 -9.67 16.17 2.00
C PRO A 351 -8.95 17.13 2.94
N PHE A 352 -9.60 17.53 4.03
CA PHE A 352 -8.96 18.40 5.02
C PHE A 352 -7.78 17.68 5.67
N MET A 353 -7.99 16.40 5.96
CA MET A 353 -6.98 15.64 6.70
C MET A 353 -5.87 15.14 5.77
N ARG A 354 -6.06 15.25 4.45
CA ARG A 354 -4.92 15.02 3.56
C ARG A 354 -3.93 16.20 3.60
N LYS A 355 -4.42 17.39 3.94
CA LYS A 355 -3.49 18.50 4.13
C LYS A 355 -2.96 18.52 5.56
N TYR A 356 -3.87 18.37 6.52
CA TYR A 356 -3.53 18.48 7.95
C TYR A 356 -3.43 17.15 8.69
N PHE A 357 -2.26 16.90 9.23
CA PHE A 357 -2.06 15.87 10.25
C PHE A 357 -2.91 16.24 11.47
N THR A 358 -3.55 15.26 12.10
CA THR A 358 -4.48 15.55 13.18
C THR A 358 -4.24 14.70 14.43
N VAL A 359 -4.42 15.34 15.57
CA VAL A 359 -4.20 14.74 16.88
C VAL A 359 -5.51 14.77 17.63
N PHE A 360 -5.91 13.63 18.19
CA PHE A 360 -7.16 13.54 18.93
C PHE A 360 -6.80 13.19 20.36
N ASP A 361 -6.90 14.18 21.23
CA ASP A 361 -6.35 14.07 22.57
C ASP A 361 -7.47 14.03 23.60
N TYR A 362 -7.69 12.86 24.20
CA TYR A 362 -8.73 12.70 25.20
C TYR A 362 -8.41 13.45 26.48
N GLU A 363 -7.12 13.53 26.81
CA GLU A 363 -6.69 14.19 28.04
C GLU A 363 -6.90 15.71 27.97
N LYS A 364 -6.53 16.28 26.83
CA LYS A 364 -6.64 17.72 26.60
C LYS A 364 -8.03 18.12 26.14
N GLU A 365 -8.87 17.12 25.84
CA GLU A 365 -10.21 17.35 25.28
C GLU A 365 -10.12 18.33 24.12
N SER A 366 -9.20 18.03 23.21
CA SER A 366 -8.85 18.91 22.10
C SER A 366 -8.47 18.11 20.85
N VAL A 367 -8.58 18.75 19.70
CA VAL A 367 -7.98 18.26 18.47
C VAL A 367 -6.77 19.15 18.13
N GLY A 368 -5.68 18.53 17.70
CA GLY A 368 -4.51 19.27 17.26
C GLY A 368 -4.33 19.17 15.75
N PHE A 369 -3.83 20.25 15.15
CA PHE A 369 -3.65 20.33 13.71
C PHE A 369 -2.25 20.78 13.34
N ALA A 370 -1.67 20.16 12.32
CA ALA A 370 -0.41 20.62 11.76
C ALA A 370 -0.34 20.24 10.31
N VAL A 371 0.36 21.03 9.52
CA VAL A 371 0.51 20.69 8.11
C VAL A 371 1.27 19.38 7.96
N ALA A 372 0.65 18.41 7.27
CA ALA A 372 1.28 17.12 7.10
C ALA A 372 2.51 17.20 6.23
N LYS A 373 3.49 16.37 6.59
CA LYS A 373 4.73 16.21 5.83
C LYS A 373 4.56 15.04 4.87
N ASN A 374 4.80 15.29 3.60
CA ASN A 374 4.54 14.27 2.61
C ASN A 374 5.77 13.39 2.35
N LEU A 375 5.64 12.13 2.74
CA LEU A 375 6.76 11.19 2.76
C LEU A 375 6.71 10.22 1.58
N LYS B 1 33.46 1.57 5.69
CA LYS B 1 34.60 0.92 5.06
C LYS B 1 34.35 0.71 3.56
N HIS B 2 33.34 -0.10 3.22
CA HIS B 2 32.93 -0.24 1.82
C HIS B 2 31.70 0.61 1.57
N THR B 3 31.45 0.91 0.30
CA THR B 3 30.37 1.82 -0.03
C THR B 3 29.01 1.15 0.10
N THR B 4 28.18 1.71 0.97
CA THR B 4 26.82 1.22 1.15
C THR B 4 25.80 2.27 0.75
N ILE B 5 24.89 1.86 -0.13
CA ILE B 5 23.82 2.71 -0.66
C ILE B 5 22.45 2.15 -0.30
N GLY B 6 21.63 2.96 0.35
CA GLY B 6 20.27 2.55 0.66
C GLY B 6 19.38 2.57 -0.58
N PHE B 7 18.34 1.74 -0.57
CA PHE B 7 17.37 1.77 -1.64
C PHE B 7 15.97 1.51 -1.13
N LYS B 8 14.99 2.00 -1.88
CA LYS B 8 13.59 1.71 -1.64
C LYS B 8 13.19 0.41 -2.31
N ILE B 9 12.18 -0.25 -1.75
CA ILE B 9 11.73 -1.53 -2.27
C ILE B 9 10.27 -1.43 -2.67
N ASP B 10 10.00 -1.78 -3.91
CA ASP B 10 8.67 -1.79 -4.48
C ASP B 10 8.30 -3.23 -4.75
N ARG B 11 7.34 -3.79 -3.99
CA ARG B 11 6.91 -5.16 -4.18
C ARG B 11 5.59 -5.22 -4.94
N PRO B 12 5.53 -6.02 -6.01
CA PRO B 12 4.40 -5.99 -6.94
C PRO B 12 3.07 -6.49 -6.35
N HIS B 13 3.11 -7.32 -5.32
CA HIS B 13 1.85 -7.83 -4.76
C HIS B 13 1.04 -6.73 -4.06
N ASP B 14 1.71 -5.67 -3.60
CA ASP B 14 0.99 -4.56 -3.00
C ASP B 14 0.07 -3.86 -4.01
N LYS B 15 0.54 -3.75 -5.26
CA LYS B 15 -0.28 -3.18 -6.31
C LYS B 15 -1.45 -4.11 -6.68
N VAL B 16 -1.18 -5.41 -6.72
CA VAL B 16 -2.22 -6.39 -7.02
C VAL B 16 -3.33 -6.30 -5.97
N LEU B 17 -2.94 -6.34 -4.69
CA LEU B 17 -3.93 -6.31 -3.63
C LEU B 17 -4.71 -4.98 -3.57
N SER B 18 -4.05 -3.86 -3.89
CA SER B 18 -4.73 -2.58 -3.93
C SER B 18 -5.81 -2.59 -5.00
N SER B 19 -5.50 -3.22 -6.12
CA SER B 19 -6.46 -3.31 -7.22
C SER B 19 -7.64 -4.21 -6.86
N VAL B 20 -7.37 -5.31 -6.17
CA VAL B 20 -8.42 -6.18 -5.65
C VAL B 20 -9.39 -5.38 -4.78
N LEU B 21 -8.84 -4.60 -3.85
CA LEU B 21 -9.66 -3.79 -2.97
C LEU B 21 -10.45 -2.71 -3.71
N LYS B 22 -9.80 -2.01 -4.63
CA LYS B 22 -10.45 -0.89 -5.32
C LYS B 22 -11.60 -1.40 -6.16
N ASN B 23 -11.44 -2.60 -6.71
CA ASN B 23 -12.43 -3.19 -7.59
C ASN B 23 -13.42 -4.07 -6.86
N LYS B 24 -13.36 -4.04 -5.52
CA LYS B 24 -14.33 -4.73 -4.68
C LYS B 24 -14.34 -6.23 -4.96
N LEU B 25 -13.15 -6.82 -5.04
CA LEU B 25 -13.01 -8.24 -5.35
C LEU B 25 -12.64 -9.08 -4.12
N SER B 26 -12.73 -8.52 -2.91
CA SER B 26 -12.40 -9.31 -1.74
C SER B 26 -13.31 -10.51 -1.61
N THR B 27 -14.59 -10.32 -1.86
CA THR B 27 -15.54 -11.42 -1.75
C THR B 27 -15.23 -12.48 -2.81
N TYR B 28 -14.91 -12.04 -4.02
CA TYR B 28 -14.49 -12.95 -5.09
C TYR B 28 -13.32 -13.82 -4.65
N VAL B 29 -12.33 -13.22 -4.02
CA VAL B 29 -11.17 -13.98 -3.58
C VAL B 29 -11.58 -15.01 -2.54
N LYS B 30 -12.37 -14.60 -1.55
CA LYS B 30 -12.74 -15.49 -0.45
C LYS B 30 -13.64 -16.63 -0.92
N GLU B 31 -14.61 -16.32 -1.77
CA GLU B 31 -15.52 -17.36 -2.25
C GLU B 31 -14.85 -18.30 -3.24
N SER B 32 -13.91 -17.78 -4.02
CA SER B 32 -13.14 -18.62 -4.94
C SER B 32 -12.36 -19.64 -4.13
N PHE B 33 -11.71 -19.16 -3.07
CA PHE B 33 -10.95 -20.06 -2.23
C PHE B 33 -11.87 -21.08 -1.55
N LYS B 34 -13.01 -20.61 -1.06
CA LYS B 34 -13.94 -21.51 -0.38
C LYS B 34 -14.48 -22.57 -1.33
N PHE B 35 -14.68 -22.20 -2.59
CA PHE B 35 -15.15 -23.17 -3.58
C PHE B 35 -14.13 -24.31 -3.80
N PHE B 36 -12.89 -23.93 -4.09
CA PHE B 36 -11.87 -24.87 -4.53
C PHE B 36 -11.23 -25.68 -3.40
N LYS B 37 -11.15 -25.13 -2.19
CA LYS B 37 -10.61 -25.93 -1.10
C LYS B 37 -11.66 -26.93 -0.65
N SER B 38 -12.93 -26.64 -0.96
CA SER B 38 -14.03 -27.54 -0.62
C SER B 38 -13.91 -28.85 -1.39
N GLY B 39 -13.20 -28.81 -2.51
CA GLY B 39 -12.93 -29.98 -3.30
C GLY B 39 -14.14 -30.51 -4.04
N TYR B 40 -15.17 -29.68 -4.17
CA TYR B 40 -16.42 -30.06 -4.82
C TYR B 40 -16.19 -30.64 -6.21
N ALA B 41 -15.42 -29.94 -7.02
CA ALA B 41 -15.20 -30.35 -8.41
C ALA B 41 -14.03 -31.31 -8.51
N GLN B 42 -12.91 -30.91 -7.95
CA GLN B 42 -11.69 -31.70 -7.93
C GLN B 42 -10.85 -31.22 -6.77
N LYS B 43 -9.63 -31.73 -6.66
CA LYS B 43 -8.70 -31.17 -5.68
C LYS B 43 -7.94 -30.01 -6.34
N GLY B 44 -8.67 -29.17 -7.06
CA GLY B 44 -8.11 -28.00 -7.70
C GLY B 44 -7.67 -26.99 -6.66
N TYR B 45 -7.23 -25.82 -7.09
CA TYR B 45 -7.16 -25.41 -8.48
C TYR B 45 -5.84 -24.70 -8.67
N LEU B 46 -5.15 -24.90 -9.79
CA LEU B 46 -3.82 -24.31 -9.95
C LEU B 46 -3.63 -23.63 -11.32
N GLY B 47 -4.70 -23.09 -11.87
CA GLY B 47 -4.62 -22.37 -13.12
C GLY B 47 -4.70 -23.29 -14.32
N SER B 48 -4.39 -22.74 -15.49
CA SER B 48 -4.46 -23.50 -16.74
C SER B 48 -3.82 -22.71 -17.86
N GLU B 49 -3.89 -23.24 -19.07
CA GLU B 49 -3.42 -22.54 -20.25
C GLU B 49 -4.21 -21.24 -20.45
N ASN B 50 -5.42 -21.18 -19.89
CA ASN B 50 -6.26 -19.99 -20.00
C ASN B 50 -6.40 -19.25 -18.67
N ASP B 51 -5.41 -19.43 -17.79
CA ASP B 51 -5.33 -18.74 -16.51
C ASP B 51 -3.91 -18.88 -15.99
N SER B 52 -2.99 -18.08 -16.53
CA SER B 52 -1.56 -18.32 -16.38
C SER B 52 -0.83 -17.19 -15.65
N ILE B 53 0.31 -17.54 -15.06
CA ILE B 53 1.18 -16.57 -14.41
C ILE B 53 2.17 -15.98 -15.40
N GLU B 54 2.14 -14.66 -15.56
CA GLU B 54 3.07 -13.99 -16.46
C GLU B 54 4.22 -13.33 -15.67
N LEU B 55 5.32 -14.06 -15.62
CA LEU B 55 6.58 -13.69 -14.97
C LEU B 55 6.86 -12.18 -14.84
N ASP B 56 6.84 -11.48 -15.96
CA ASP B 56 7.33 -10.09 -16.00
C ASP B 56 6.43 -9.10 -15.27
N ASP B 57 5.12 -9.29 -15.37
CA ASP B 57 4.18 -8.37 -14.72
C ASP B 57 3.95 -8.76 -13.28
N VAL B 58 3.80 -10.06 -13.06
CA VAL B 58 3.38 -10.59 -11.77
C VAL B 58 4.43 -10.43 -10.68
N ALA B 59 5.69 -10.67 -11.04
CA ALA B 59 6.73 -10.80 -10.03
C ALA B 59 7.89 -9.81 -10.18
N ASN B 60 7.59 -8.58 -10.61
CA ASN B 60 8.63 -7.56 -10.85
C ASN B 60 8.98 -6.70 -9.62
N LEU B 61 9.93 -7.23 -8.85
CA LEU B 61 10.49 -6.56 -7.70
C LEU B 61 11.41 -5.43 -8.14
N MET B 62 11.33 -4.30 -7.45
CA MET B 62 12.23 -3.20 -7.78
C MET B 62 12.95 -2.65 -6.54
N PHE B 63 14.28 -2.77 -6.55
CA PHE B 63 15.15 -2.12 -5.58
C PHE B 63 15.62 -0.84 -6.26
N TYR B 64 15.32 0.32 -5.71
CA TYR B 64 15.81 1.50 -6.42
C TYR B 64 16.44 2.52 -5.50
N GLY B 65 17.60 2.99 -5.93
CA GLY B 65 18.45 3.84 -5.12
C GLY B 65 19.03 4.98 -5.94
N GLU B 66 19.61 5.94 -5.23
CA GLU B 66 20.10 7.17 -5.84
CA GLU B 66 20.09 7.17 -5.84
C GLU B 66 21.46 7.00 -6.49
N GLY B 67 21.66 7.64 -7.64
CA GLY B 67 22.95 7.72 -8.29
C GLY B 67 23.00 9.06 -9.00
N GLN B 68 24.20 9.54 -9.34
CA GLN B 68 24.32 10.81 -10.06
C GLN B 68 25.24 10.68 -11.27
N ILE B 69 25.03 11.56 -12.24
CA ILE B 69 25.84 11.60 -13.44
C ILE B 69 26.27 13.03 -13.75
N GLY B 70 27.53 13.22 -14.12
CA GLY B 70 28.01 14.51 -14.58
C GLY B 70 28.69 15.32 -13.50
N THR B 71 29.42 16.37 -13.88
CA THR B 71 30.12 17.14 -12.88
C THR B 71 29.17 18.02 -12.08
N ASN B 72 27.96 18.22 -12.60
CA ASN B 72 26.94 18.90 -11.82
C ASN B 72 26.07 17.89 -11.07
N LYS B 73 26.50 16.63 -11.09
CA LYS B 73 25.89 15.53 -10.33
C LYS B 73 24.37 15.48 -10.45
N GLN B 74 23.90 15.30 -11.68
CA GLN B 74 22.46 15.18 -11.93
C GLN B 74 21.95 13.91 -11.27
N PRO B 75 20.87 14.04 -10.47
CA PRO B 75 20.38 12.89 -9.70
C PRO B 75 19.41 12.00 -10.47
N PHE B 76 19.51 10.69 -10.25
CA PHE B 76 18.58 9.72 -10.83
C PHE B 76 18.24 8.63 -9.81
N MET B 77 17.04 8.08 -9.94
CA MET B 77 16.74 6.86 -9.20
C MET B 77 16.96 5.68 -10.13
N PHE B 78 17.85 4.77 -9.72
CA PHE B 78 18.20 3.58 -10.51
C PHE B 78 17.64 2.33 -9.89
N ILE B 79 17.03 1.48 -10.71
CA ILE B 79 16.79 0.09 -10.29
C ILE B 79 18.13 -0.62 -10.17
N PHE B 80 18.37 -1.29 -9.04
CA PHE B 80 19.58 -2.10 -8.89
C PHE B 80 19.27 -3.53 -9.37
N ASP B 81 19.67 -3.87 -10.58
CA ASP B 81 19.18 -5.10 -11.25
C ASP B 81 20.27 -6.13 -11.51
N THR B 82 20.29 -7.24 -10.75
CA THR B 82 21.35 -8.23 -10.92
C THR B 82 21.25 -9.01 -12.25
N GLY B 83 20.16 -8.86 -12.97
CA GLY B 83 19.96 -9.62 -14.20
C GLY B 83 20.40 -8.95 -15.49
N SER B 84 20.96 -7.74 -15.40
CA SER B 84 21.39 -7.04 -16.60
C SER B 84 22.72 -6.32 -16.40
N ALA B 85 23.38 -5.97 -17.50
CA ALA B 85 24.71 -5.43 -17.43
C ALA B 85 24.79 -4.02 -18.02
N ASN B 86 23.63 -3.45 -18.34
CA ASN B 86 23.57 -2.12 -18.90
C ASN B 86 23.42 -1.06 -17.80
N LEU B 87 23.74 0.19 -18.11
CA LEU B 87 23.36 1.29 -17.23
C LEU B 87 22.71 2.30 -18.16
N TRP B 88 21.49 2.71 -17.86
CA TRP B 88 20.85 3.73 -18.68
C TRP B 88 20.04 4.72 -17.87
N VAL B 89 19.91 5.92 -18.42
CA VAL B 89 19.09 6.98 -17.89
C VAL B 89 18.33 7.60 -19.05
N PRO B 90 17.17 8.20 -18.77
CA PRO B 90 16.43 8.92 -19.81
C PRO B 90 17.10 10.24 -20.14
N SER B 91 17.13 10.57 -21.42
CA SER B 91 17.80 11.76 -21.93
C SER B 91 16.83 12.93 -21.97
N VAL B 92 17.36 14.16 -21.90
CA VAL B 92 16.54 15.33 -22.22
C VAL B 92 16.00 15.23 -23.64
N ASN B 93 16.66 14.42 -24.47
CA ASN B 93 16.21 14.20 -25.84
C ASN B 93 15.10 13.15 -25.94
N CYS B 94 14.70 12.57 -24.80
CA CYS B 94 13.56 11.65 -24.79
C CYS B 94 12.24 12.43 -24.84
N ASP B 95 11.45 12.19 -25.88
CA ASP B 95 10.15 12.83 -26.00
C ASP B 95 8.99 11.88 -25.71
N SER B 96 9.31 10.70 -25.20
CA SER B 96 8.29 9.75 -24.77
C SER B 96 7.41 10.36 -23.69
N ILE B 97 6.13 10.04 -23.73
CA ILE B 97 5.19 10.49 -22.70
C ILE B 97 5.66 10.06 -21.32
N GLY B 98 6.19 8.85 -21.23
CA GLY B 98 6.66 8.30 -19.97
C GLY B 98 7.83 9.05 -19.36
N CYS B 99 8.62 9.73 -20.19
CA CYS B 99 9.80 10.44 -19.72
C CYS B 99 9.45 11.78 -19.08
N SER B 100 8.23 12.26 -19.31
CA SER B 100 7.86 13.61 -18.90
C SER B 100 7.81 13.81 -17.38
N THR B 101 7.89 12.72 -16.63
CA THR B 101 7.87 12.81 -15.17
C THR B 101 9.19 12.36 -14.55
N LYS B 102 10.19 12.07 -15.38
CA LYS B 102 11.45 11.53 -14.91
C LYS B 102 12.55 12.58 -14.79
N HIS B 103 13.58 12.28 -14.02
CA HIS B 103 14.81 13.07 -14.05
C HIS B 103 15.50 12.77 -15.37
N LEU B 104 15.83 13.80 -16.13
CA LEU B 104 16.45 13.61 -17.44
C LEU B 104 17.90 14.06 -17.48
N TYR B 105 18.74 13.28 -18.15
CA TYR B 105 20.17 13.58 -18.23
C TYR B 105 20.45 14.62 -19.30
N ASP B 106 21.13 15.71 -18.91
CA ASP B 106 21.47 16.80 -19.81
C ASP B 106 22.97 16.85 -20.03
N ALA B 107 23.43 16.25 -21.13
CA ALA B 107 24.85 16.14 -21.44
C ALA B 107 25.55 17.49 -21.51
N SER B 108 24.86 18.50 -22.01
CA SER B 108 25.44 19.83 -22.21
C SER B 108 25.77 20.52 -20.90
N ALA B 109 25.19 20.05 -19.81
CA ALA B 109 25.40 20.68 -18.52
C ALA B 109 26.58 20.07 -17.77
N SER B 110 27.18 19.04 -18.34
CA SER B 110 28.30 18.37 -17.70
C SER B 110 29.61 18.55 -18.45
N LYS B 111 30.60 19.11 -17.76
CA LYS B 111 31.93 19.33 -18.34
C LYS B 111 32.64 18.04 -18.71
N SER B 112 32.19 16.92 -18.15
CA SER B 112 32.93 15.67 -18.28
C SER B 112 32.25 14.72 -19.28
N TYR B 113 31.19 15.21 -19.93
CA TYR B 113 30.50 14.44 -20.97
C TYR B 113 31.42 14.18 -22.16
N GLU B 114 31.46 12.94 -22.62
CA GLU B 114 32.18 12.59 -23.85
C GLU B 114 31.20 11.91 -24.80
N LYS B 115 31.07 12.41 -26.02
CA LYS B 115 30.07 11.84 -26.92
C LYS B 115 30.49 10.47 -27.43
N ASP B 116 29.50 9.61 -27.71
CA ASP B 116 29.71 8.35 -28.42
C ASP B 116 28.71 8.34 -29.57
N GLY B 117 27.44 8.09 -29.26
CA GLY B 117 26.37 8.28 -30.24
C GLY B 117 25.90 6.99 -30.90
N THR B 118 26.60 5.90 -30.66
CA THR B 118 26.15 4.62 -31.22
C THR B 118 24.80 4.24 -30.64
N LYS B 119 23.87 3.90 -31.53
CA LYS B 119 22.48 3.69 -31.17
C LYS B 119 22.24 2.25 -30.83
N VAL B 120 21.43 2.03 -29.80
CA VAL B 120 21.15 0.69 -29.31
C VAL B 120 19.73 0.53 -28.83
N GLU B 121 19.28 -0.73 -28.78
CA GLU B 121 18.00 -1.13 -28.22
C GLU B 121 18.26 -2.27 -27.25
N ILE B 122 17.80 -2.13 -26.01
CA ILE B 122 18.01 -3.16 -25.02
C ILE B 122 16.70 -3.54 -24.37
N SER B 123 16.57 -4.81 -23.98
CA SER B 123 15.31 -5.30 -23.44
C SER B 123 15.36 -5.56 -21.95
N TYR B 124 14.20 -5.38 -21.31
CA TYR B 124 13.98 -5.71 -19.90
C TYR B 124 12.62 -6.33 -19.74
N GLY B 125 12.57 -7.60 -19.37
CA GLY B 125 11.31 -8.31 -19.30
C GLY B 125 10.62 -8.23 -20.64
N SER B 126 9.35 -7.82 -20.62
CA SER B 126 8.57 -7.71 -21.84
C SER B 126 8.77 -6.37 -22.55
N GLY B 127 9.62 -5.52 -21.98
CA GLY B 127 9.82 -4.18 -22.50
C GLY B 127 11.21 -3.88 -23.04
N THR B 128 11.32 -2.81 -23.83
CA THR B 128 12.60 -2.40 -24.40
C THR B 128 12.73 -0.89 -24.35
N VAL B 129 13.97 -0.41 -24.24
CA VAL B 129 14.24 1.01 -24.45
C VAL B 129 15.22 1.17 -25.61
N ARG B 130 15.16 2.32 -26.28
CA ARG B 130 16.13 2.67 -27.30
C ARG B 130 16.82 3.96 -26.93
N GLY B 131 18.10 4.07 -27.28
CA GLY B 131 18.81 5.34 -27.15
C GLY B 131 20.19 5.23 -27.74
N TYR B 132 21.15 5.95 -27.16
CA TYR B 132 22.50 5.93 -27.69
C TYR B 132 23.53 6.02 -26.58
N PHE B 133 24.76 5.60 -26.88
CA PHE B 133 25.81 5.61 -25.87
C PHE B 133 26.38 7.00 -25.63
N SER B 134 26.72 7.24 -24.36
CA SER B 134 27.42 8.44 -23.91
C SER B 134 28.40 8.05 -22.81
N LYS B 135 29.34 8.92 -22.49
CA LYS B 135 30.25 8.64 -21.40
C LYS B 135 30.32 9.86 -20.51
N ASP B 136 30.32 9.65 -19.20
CA ASP B 136 30.38 10.75 -18.23
C ASP B 136 30.76 10.18 -16.89
N VAL B 137 30.92 11.05 -15.90
CA VAL B 137 31.23 10.60 -14.53
C VAL B 137 29.99 10.19 -13.79
N ILE B 138 29.98 8.93 -13.33
CA ILE B 138 28.88 8.40 -12.54
C ILE B 138 29.25 8.39 -11.06
N SER B 139 28.34 8.84 -10.22
CA SER B 139 28.56 8.87 -8.76
C SER B 139 27.60 7.90 -8.09
N LEU B 140 28.14 7.08 -7.19
CA LEU B 140 27.35 6.11 -6.44
C LEU B 140 27.85 6.16 -5.02
N GLY B 141 27.02 6.63 -4.11
CA GLY B 141 27.50 6.86 -2.75
C GLY B 141 28.74 7.72 -2.80
N ASP B 142 29.84 7.25 -2.22
CA ASP B 142 31.10 7.99 -2.22
C ASP B 142 32.06 7.57 -3.33
N LEU B 143 31.54 6.84 -4.33
CA LEU B 143 32.34 6.40 -5.47
C LEU B 143 32.05 7.28 -6.67
N SER B 144 33.03 7.41 -7.54
CA SER B 144 32.93 8.25 -8.73
C SER B 144 33.77 7.65 -9.85
N LEU B 145 33.21 7.39 -11.03
CA LEU B 145 34.03 6.96 -12.14
C LEU B 145 33.51 7.37 -13.52
N PRO B 146 34.44 7.56 -14.47
CA PRO B 146 33.99 7.76 -15.86
C PRO B 146 33.42 6.44 -16.38
N TYR B 147 32.27 6.49 -17.02
CA TYR B 147 31.57 5.26 -17.39
C TYR B 147 30.75 5.45 -18.65
N LYS B 148 30.71 4.43 -19.50
CA LYS B 148 29.90 4.49 -20.71
C LYS B 148 28.52 3.87 -20.48
N PHE B 149 27.50 4.68 -20.70
CA PHE B 149 26.12 4.32 -20.38
C PHE B 149 25.23 4.68 -21.55
N ILE B 150 23.97 4.31 -21.46
CA ILE B 150 23.00 4.63 -22.50
C ILE B 150 22.09 5.78 -22.09
N GLU B 151 21.99 6.79 -22.94
CA GLU B 151 20.97 7.82 -22.86
C GLU B 151 19.74 7.38 -23.60
N VAL B 152 18.63 7.16 -22.91
CA VAL B 152 17.43 6.66 -23.58
C VAL B 152 16.60 7.80 -24.19
N THR B 153 16.23 7.63 -25.46
CA THR B 153 15.46 8.62 -26.18
C THR B 153 14.05 8.11 -26.49
N ASP B 154 13.82 6.81 -26.30
CA ASP B 154 12.50 6.23 -26.56
C ASP B 154 12.19 5.15 -25.54
N ALA B 155 11.24 5.44 -24.66
CA ALA B 155 10.86 4.52 -23.61
C ALA B 155 9.42 4.03 -23.79
N ASP B 156 8.85 4.25 -24.97
CA ASP B 156 7.46 3.88 -25.23
C ASP B 156 7.16 2.41 -24.99
N ASP B 157 8.14 1.54 -25.29
CA ASP B 157 7.95 0.11 -25.14
C ASP B 157 8.30 -0.41 -23.75
N LEU B 158 8.42 0.50 -22.78
CA LEU B 158 8.61 0.10 -21.39
C LEU B 158 7.36 0.45 -20.59
N GLU B 159 6.26 0.67 -21.30
CA GLU B 159 4.95 0.95 -20.71
C GLU B 159 4.19 -0.34 -20.43
N PRO B 160 3.36 -0.36 -19.38
CA PRO B 160 3.05 0.78 -18.51
C PRO B 160 3.90 0.87 -17.24
N ILE B 161 4.88 -0.02 -17.06
CA ILE B 161 5.62 -0.03 -15.81
C ILE B 161 6.45 1.24 -15.62
N TYR B 162 6.94 1.83 -16.70
CA TYR B 162 7.83 2.99 -16.57
C TYR B 162 7.10 4.19 -15.97
N SER B 163 5.96 4.56 -16.55
CA SER B 163 5.22 5.71 -16.04
C SER B 163 4.52 5.38 -14.73
N GLY B 164 4.47 4.10 -14.38
CA GLY B 164 3.79 3.67 -13.16
C GLY B 164 4.71 3.43 -11.99
N SER B 165 6.01 3.69 -12.17
CA SER B 165 6.99 3.44 -11.12
C SER B 165 7.91 4.64 -10.92
N GLU B 166 8.59 4.70 -9.79
CA GLU B 166 9.36 5.88 -9.44
C GLU B 166 10.76 5.95 -10.06
N PHE B 167 11.25 4.84 -10.61
CA PHE B 167 12.64 4.82 -11.10
C PHE B 167 12.82 5.63 -12.38
N ASP B 168 14.03 6.14 -12.55
CA ASP B 168 14.41 6.84 -13.77
C ASP B 168 15.12 5.93 -14.75
N GLY B 169 16.05 5.12 -14.23
CA GLY B 169 16.86 4.28 -15.09
C GLY B 169 17.20 2.98 -14.39
N ILE B 170 18.09 2.22 -15.00
CA ILE B 170 18.45 0.92 -14.44
C ILE B 170 19.96 0.82 -14.37
N LEU B 171 20.46 0.31 -13.23
CA LEU B 171 21.88 0.08 -13.04
C LEU B 171 22.13 -1.43 -13.02
N GLY B 172 22.93 -1.90 -13.96
CA GLY B 172 23.14 -3.33 -14.11
C GLY B 172 24.15 -3.90 -13.14
N LEU B 173 23.72 -4.94 -12.40
CA LEU B 173 24.57 -5.67 -11.47
C LEU B 173 24.71 -7.12 -11.94
N GLY B 174 24.64 -7.29 -13.25
CA GLY B 174 24.77 -8.59 -13.87
C GLY B 174 26.08 -8.75 -14.61
N TRP B 175 26.10 -9.73 -15.52
CA TRP B 175 27.30 -10.10 -16.26
C TRP B 175 27.26 -9.55 -17.68
N LYS B 176 28.42 -9.11 -18.17
CA LYS B 176 28.56 -8.72 -19.56
C LYS B 176 28.16 -9.85 -20.49
N ASP B 177 27.32 -9.54 -21.47
CA ASP B 177 26.87 -10.48 -22.49
C ASP B 177 27.25 -9.87 -23.82
N LEU B 178 28.28 -10.41 -24.45
CA LEU B 178 28.80 -9.80 -25.67
C LEU B 178 27.80 -9.82 -26.83
N SER B 179 26.74 -10.62 -26.76
CA SER B 179 25.73 -10.57 -27.80
C SER B 179 24.82 -9.33 -27.65
N ILE B 180 24.97 -8.61 -26.54
CA ILE B 180 24.23 -7.38 -26.28
C ILE B 180 25.16 -6.18 -26.39
N GLY B 181 26.30 -6.27 -25.72
CA GLY B 181 27.22 -5.15 -25.66
C GLY B 181 28.53 -5.51 -24.97
N SER B 182 29.53 -4.65 -25.12
CA SER B 182 30.88 -4.99 -24.66
C SER B 182 31.34 -4.23 -23.42
N ILE B 183 30.44 -3.47 -22.81
CA ILE B 183 30.85 -2.63 -21.69
C ILE B 183 30.85 -3.42 -20.40
N ASP B 184 31.94 -3.36 -19.66
CA ASP B 184 31.97 -4.05 -18.39
C ASP B 184 30.97 -3.39 -17.45
N PRO B 185 30.24 -4.19 -16.67
CA PRO B 185 29.26 -3.59 -15.75
C PRO B 185 29.97 -2.75 -14.68
N VAL B 186 29.24 -1.85 -14.06
CA VAL B 186 29.86 -0.79 -13.24
C VAL B 186 30.73 -1.35 -12.08
N VAL B 187 30.37 -2.47 -11.48
CA VAL B 187 31.14 -2.94 -10.33
C VAL B 187 32.48 -3.48 -10.81
N VAL B 188 32.46 -4.17 -11.94
CA VAL B 188 33.68 -4.66 -12.58
C VAL B 188 34.58 -3.49 -12.98
N GLU B 189 33.97 -2.48 -13.58
CA GLU B 189 34.73 -1.28 -13.98
C GLU B 189 35.33 -0.54 -12.77
N LEU B 190 34.59 -0.48 -11.66
CA LEU B 190 35.10 0.15 -10.44
C LEU B 190 36.36 -0.55 -9.94
N LYS B 191 36.36 -1.88 -9.96
CA LYS B 191 37.56 -2.63 -9.56
C LYS B 191 38.67 -2.48 -10.60
N LYS B 192 38.30 -2.42 -11.89
CA LYS B 192 39.27 -2.19 -12.95
C LYS B 192 40.01 -0.87 -12.72
N GLN B 193 39.28 0.14 -12.26
CA GLN B 193 39.87 1.47 -12.05
C GLN B 193 40.43 1.63 -10.63
N ASN B 194 40.53 0.51 -9.91
CA ASN B 194 41.10 0.49 -8.56
C ASN B 194 40.40 1.43 -7.58
N LYS B 195 39.07 1.47 -7.65
CA LYS B 195 38.26 2.34 -6.83
C LYS B 195 37.52 1.59 -5.71
N ILE B 196 37.51 0.26 -5.78
CA ILE B 196 36.94 -0.58 -4.73
C ILE B 196 37.89 -1.75 -4.50
N ASP B 197 37.82 -2.36 -3.31
CA ASP B 197 38.74 -3.43 -2.95
C ASP B 197 38.59 -4.67 -3.80
N ASN B 198 37.35 -5.08 -4.03
CA ASN B 198 37.06 -6.26 -4.84
C ASN B 198 35.82 -6.05 -5.69
N ALA B 199 35.77 -6.76 -6.82
CA ALA B 199 34.61 -6.69 -7.69
C ALA B 199 33.49 -7.59 -7.17
N LEU B 200 32.81 -7.11 -6.14
CA LEU B 200 31.69 -7.82 -5.55
C LEU B 200 30.72 -6.79 -5.00
N PHE B 201 29.50 -7.21 -4.79
CA PHE B 201 28.50 -6.40 -4.11
C PHE B 201 27.59 -7.29 -3.30
N THR B 202 26.85 -6.71 -2.37
CA THR B 202 25.99 -7.48 -1.49
C THR B 202 24.64 -6.80 -1.31
N PHE B 203 23.64 -7.60 -0.95
CA PHE B 203 22.33 -7.09 -0.58
C PHE B 203 21.97 -7.48 0.85
N TYR B 204 21.50 -6.52 1.63
CA TYR B 204 20.99 -6.74 2.97
C TYR B 204 19.61 -6.11 3.09
N LEU B 205 18.62 -6.91 3.44
CA LEU B 205 17.24 -6.46 3.58
C LEU B 205 16.80 -6.55 5.04
N PRO B 206 17.08 -5.52 5.84
CA PRO B 206 16.78 -5.65 7.28
C PRO B 206 15.29 -5.75 7.56
N VAL B 207 14.93 -6.70 8.42
CA VAL B 207 13.53 -6.96 8.72
C VAL B 207 12.86 -5.82 9.49
N HIS B 208 13.65 -4.96 10.14
CA HIS B 208 13.07 -3.91 10.99
C HIS B 208 12.57 -2.71 10.18
N ASP B 209 12.92 -2.67 8.89
CA ASP B 209 12.32 -1.69 7.99
C ASP B 209 12.16 -2.33 6.62
N LYS B 210 10.99 -2.91 6.38
CA LYS B 210 10.82 -3.78 5.23
C LYS B 210 10.80 -3.02 3.88
N HIS B 211 10.72 -1.70 3.92
CA HIS B 211 10.62 -0.96 2.65
C HIS B 211 11.96 -0.39 2.18
N VAL B 212 13.00 -0.69 2.93
CA VAL B 212 14.35 -0.21 2.63
C VAL B 212 15.34 -1.37 2.65
N GLY B 213 16.30 -1.35 1.73
CA GLY B 213 17.39 -2.31 1.76
C GLY B 213 18.72 -1.62 1.51
N TYR B 214 19.80 -2.39 1.52
CA TYR B 214 21.13 -1.82 1.39
C TYR B 214 21.99 -2.57 0.41
N LEU B 215 22.52 -1.84 -0.56
CA LEU B 215 23.50 -2.35 -1.51
C LEU B 215 24.90 -1.95 -1.09
N THR B 216 25.77 -2.92 -0.88
CA THR B 216 27.14 -2.60 -0.51
C THR B 216 28.06 -3.01 -1.64
N ILE B 217 28.94 -2.09 -2.04
CA ILE B 217 29.83 -2.34 -3.16
C ILE B 217 31.29 -2.39 -2.72
N GLY B 218 32.00 -3.45 -3.10
CA GLY B 218 33.44 -3.49 -2.92
C GLY B 218 33.96 -4.41 -1.84
N GLY B 219 33.09 -4.81 -0.91
CA GLY B 219 33.50 -5.72 0.14
C GLY B 219 32.34 -6.07 1.03
N ILE B 220 32.62 -6.91 2.02
CA ILE B 220 31.60 -7.49 2.87
C ILE B 220 31.53 -6.78 4.21
N GLU B 221 30.33 -6.31 4.56
CA GLU B 221 30.14 -5.67 5.86
C GLU B 221 29.73 -6.70 6.90
N SER B 222 30.60 -6.92 7.88
CA SER B 222 30.37 -7.92 8.92
C SER B 222 29.11 -7.62 9.74
N ASP B 223 28.71 -6.36 9.77
CA ASP B 223 27.54 -5.98 10.56
C ASP B 223 26.24 -6.55 10.02
N PHE B 224 26.27 -7.05 8.79
CA PHE B 224 25.02 -7.40 8.13
C PHE B 224 24.69 -8.89 8.21
N TYR B 225 25.57 -9.72 8.74
CA TYR B 225 25.26 -11.15 8.79
C TYR B 225 25.77 -11.83 10.04
N GLU B 226 25.29 -13.05 10.25
CA GLU B 226 25.67 -13.85 11.40
CA GLU B 226 25.67 -13.86 11.41
C GLU B 226 25.94 -15.28 10.95
N GLY B 227 26.78 -16.00 11.68
CA GLY B 227 27.13 -17.35 11.29
C GLY B 227 28.07 -17.38 10.09
N PRO B 228 28.23 -18.57 9.49
CA PRO B 228 29.19 -18.72 8.39
C PRO B 228 28.64 -18.16 7.08
N LEU B 229 29.56 -17.68 6.25
CA LEU B 229 29.22 -17.19 4.92
C LEU B 229 29.82 -18.19 3.96
N THR B 230 28.98 -18.84 3.15
CA THR B 230 29.48 -19.92 2.31
C THR B 230 29.22 -19.60 0.85
N TYR B 231 30.17 -19.96 0.00
CA TYR B 231 30.09 -19.62 -1.42
C TYR B 231 29.70 -20.80 -2.28
N GLU B 232 29.04 -20.46 -3.38
CA GLU B 232 28.60 -21.43 -4.38
C GLU B 232 29.09 -20.94 -5.75
N LYS B 233 29.89 -21.76 -6.42
CA LYS B 233 30.40 -21.40 -7.74
C LYS B 233 29.26 -21.31 -8.75
N LEU B 234 29.28 -20.31 -9.62
CA LEU B 234 28.26 -20.20 -10.66
C LEU B 234 28.36 -21.37 -11.64
N ASN B 235 27.22 -21.83 -12.14
CA ASN B 235 27.23 -22.83 -13.21
C ASN B 235 26.71 -22.21 -14.50
N HIS B 236 26.98 -20.92 -14.67
CA HIS B 236 26.66 -20.22 -15.91
C HIS B 236 27.63 -19.04 -16.03
N ASP B 237 27.94 -18.62 -17.25
CA ASP B 237 28.87 -17.51 -17.41
C ASP B 237 28.17 -16.15 -17.43
N LEU B 238 26.87 -16.15 -17.68
CA LEU B 238 26.13 -14.90 -17.89
C LEU B 238 25.17 -14.53 -16.77
N TYR B 239 24.88 -15.47 -15.87
CA TYR B 239 23.84 -15.25 -14.87
C TYR B 239 24.33 -15.71 -13.51
N TRP B 240 23.73 -15.14 -12.46
CA TRP B 240 24.06 -15.49 -11.08
C TRP B 240 23.32 -16.78 -10.74
N GLN B 241 23.74 -17.85 -11.40
CA GLN B 241 23.04 -19.13 -11.36
C GLN B 241 23.92 -20.18 -10.72
N ILE B 242 23.34 -21.02 -9.86
CA ILE B 242 24.06 -22.11 -9.21
C ILE B 242 23.30 -23.43 -9.29
N ASP B 243 24.02 -24.52 -9.01
CA ASP B 243 23.52 -25.89 -9.02
C ASP B 243 23.05 -26.26 -7.63
N LEU B 244 21.76 -26.61 -7.47
CA LEU B 244 21.22 -27.01 -6.17
C LEU B 244 20.33 -28.22 -6.30
N ASP B 245 20.25 -29.02 -5.23
CA ASP B 245 19.15 -29.97 -5.09
C ASP B 245 18.10 -29.30 -4.22
N ILE B 246 16.87 -29.22 -4.72
CA ILE B 246 15.85 -28.43 -4.05
C ILE B 246 14.69 -29.29 -3.52
N HIS B 247 14.42 -29.15 -2.22
CA HIS B 247 13.34 -29.91 -1.56
C HIS B 247 12.16 -29.01 -1.24
N PHE B 248 11.02 -29.28 -1.85
CA PHE B 248 9.76 -28.64 -1.43
C PHE B 248 8.93 -29.74 -0.77
N GLY B 249 9.10 -29.90 0.54
CA GLY B 249 8.51 -31.02 1.23
C GLY B 249 9.09 -32.32 0.71
N LYS B 250 8.23 -33.28 0.38
CA LYS B 250 8.73 -34.56 -0.10
C LYS B 250 9.11 -34.55 -1.59
N TYR B 251 8.87 -33.42 -2.25
CA TYR B 251 9.23 -33.29 -3.65
C TYR B 251 10.63 -32.72 -3.80
N VAL B 252 11.46 -33.45 -4.53
CA VAL B 252 12.87 -33.12 -4.63
C VAL B 252 13.30 -33.02 -6.09
N MET B 253 13.88 -31.87 -6.46
CA MET B 253 14.49 -31.77 -7.77
C MET B 253 16.00 -31.76 -7.67
N GLN B 254 16.62 -32.81 -8.19
CA GLN B 254 18.07 -32.86 -8.28
C GLN B 254 18.57 -32.02 -9.44
N LYS B 255 19.79 -31.51 -9.29
CA LYS B 255 20.49 -30.79 -10.37
C LYS B 255 19.62 -29.65 -10.90
N ALA B 256 19.04 -28.89 -9.98
CA ALA B 256 18.27 -27.72 -10.34
C ALA B 256 19.23 -26.57 -10.60
N ASN B 257 18.80 -25.65 -11.44
CA ASN B 257 19.50 -24.40 -11.61
C ASN B 257 18.76 -23.34 -10.82
N ALA B 258 19.48 -22.60 -9.99
CA ALA B 258 18.85 -21.55 -9.22
C ALA B 258 19.54 -20.22 -9.49
N VAL B 259 18.76 -19.25 -9.96
CA VAL B 259 19.26 -17.90 -10.20
C VAL B 259 18.89 -16.99 -9.05
N VAL B 260 19.87 -16.29 -8.46
CA VAL B 260 19.59 -15.33 -7.40
C VAL B 260 19.30 -14.02 -8.11
N ASP B 261 18.18 -13.38 -7.78
CA ASP B 261 17.73 -12.24 -8.59
C ASP B 261 17.05 -11.13 -7.79
N SER B 262 17.60 -9.92 -7.94
CA SER B 262 17.10 -8.76 -7.22
C SER B 262 15.87 -8.16 -7.88
N GLY B 263 15.45 -8.72 -9.03
CA GLY B 263 14.27 -8.23 -9.72
C GLY B 263 13.07 -9.16 -9.67
N THR B 264 13.14 -10.19 -8.85
CA THR B 264 12.06 -11.17 -8.75
C THR B 264 11.46 -11.20 -7.35
N SER B 265 10.13 -11.04 -7.26
CA SER B 265 9.47 -10.87 -5.95
C SER B 265 9.19 -12.16 -5.19
N THR B 266 9.44 -13.30 -5.82
CA THR B 266 9.06 -14.59 -5.24
C THR B 266 10.20 -15.57 -5.38
N ILE B 267 9.98 -16.78 -4.82
CA ILE B 267 10.69 -17.94 -5.28
C ILE B 267 9.91 -18.36 -6.53
N THR B 268 10.60 -18.77 -7.59
CA THR B 268 9.85 -19.34 -8.70
C THR B 268 10.35 -20.74 -8.94
N ALA B 269 9.45 -21.59 -9.44
CA ALA B 269 9.77 -22.98 -9.65
C ALA B 269 9.05 -23.49 -10.89
N PRO B 270 9.61 -24.54 -11.53
CA PRO B 270 8.94 -25.15 -12.68
C PRO B 270 7.53 -25.58 -12.32
N THR B 271 6.61 -25.34 -13.25
CA THR B 271 5.19 -25.54 -12.99
C THR B 271 4.84 -26.96 -12.56
N SER B 272 5.38 -27.96 -13.25
CA SER B 272 5.00 -29.34 -12.95
C SER B 272 5.45 -29.72 -11.54
N PHE B 273 6.63 -29.24 -11.15
CA PHE B 273 7.18 -29.50 -9.83
C PHE B 273 6.35 -28.80 -8.76
N LEU B 274 6.11 -27.51 -8.97
CA LEU B 274 5.44 -26.71 -7.96
C LEU B 274 3.99 -27.12 -7.78
N ASN B 275 3.34 -27.51 -8.87
CA ASN B 275 1.92 -27.88 -8.77
C ASN B 275 1.71 -29.12 -7.90
N LYS B 276 2.65 -30.07 -7.97
CA LYS B 276 2.59 -31.25 -7.10
C LYS B 276 2.63 -30.85 -5.63
N PHE B 277 3.52 -29.91 -5.31
CA PHE B 277 3.68 -29.41 -3.96
C PHE B 277 2.43 -28.66 -3.52
N PHE B 278 1.96 -27.71 -4.34
CA PHE B 278 0.78 -26.94 -3.99
C PHE B 278 -0.47 -27.80 -3.80
N ARG B 279 -0.67 -28.78 -4.70
CA ARG B 279 -1.80 -29.70 -4.55
C ARG B 279 -1.79 -30.37 -3.18
N ASP B 280 -0.64 -30.91 -2.81
CA ASP B 280 -0.49 -31.56 -1.50
C ASP B 280 -0.72 -30.63 -0.32
N MET B 281 -0.37 -29.35 -0.50
CA MET B 281 -0.42 -28.39 0.59
C MET B 281 -1.75 -27.62 0.67
N ASN B 282 -2.71 -27.97 -0.17
CA ASN B 282 -3.98 -27.26 -0.24
C ASN B 282 -3.78 -25.78 -0.53
N VAL B 283 -2.86 -25.51 -1.45
CA VAL B 283 -2.65 -24.16 -1.96
C VAL B 283 -3.41 -24.03 -3.28
N ILE B 284 -4.18 -22.96 -3.41
CA ILE B 284 -5.10 -22.78 -4.52
C ILE B 284 -4.77 -21.48 -5.26
N LYS B 285 -4.84 -21.49 -6.58
CA LYS B 285 -4.75 -20.25 -7.35
C LYS B 285 -6.12 -19.59 -7.44
N VAL B 286 -6.19 -18.31 -7.09
CA VAL B 286 -7.42 -17.58 -7.34
C VAL B 286 -7.54 -17.40 -8.86
N PRO B 287 -8.65 -17.87 -9.45
CA PRO B 287 -8.74 -17.74 -10.91
C PRO B 287 -8.56 -16.31 -11.41
N PHE B 288 -7.66 -16.15 -12.37
CA PHE B 288 -7.41 -14.91 -13.10
C PHE B 288 -6.80 -13.81 -12.24
N LEU B 289 -6.33 -14.17 -11.06
CA LEU B 289 -5.51 -13.26 -10.24
C LEU B 289 -4.20 -13.96 -9.88
N PRO B 290 -3.11 -13.19 -9.82
CA PRO B 290 -1.80 -13.79 -9.55
C PRO B 290 -1.60 -14.03 -8.05
N LEU B 291 -2.49 -14.82 -7.46
CA LEU B 291 -2.49 -15.08 -6.04
C LEU B 291 -2.60 -16.58 -5.81
N TYR B 292 -1.68 -17.12 -5.04
CA TYR B 292 -1.76 -18.51 -4.60
C TYR B 292 -1.98 -18.48 -3.10
N VAL B 293 -3.09 -19.04 -2.64
CA VAL B 293 -3.55 -18.80 -1.29
C VAL B 293 -3.80 -20.09 -0.53
N THR B 294 -3.65 -20.04 0.78
CA THR B 294 -4.03 -21.14 1.65
C THR B 294 -4.47 -20.54 2.98
N THR B 295 -4.92 -21.37 3.92
CA THR B 295 -5.26 -20.86 5.23
C THR B 295 -4.00 -20.59 6.03
N CYS B 296 -4.02 -19.54 6.83
CA CYS B 296 -2.86 -19.18 7.64
C CYS B 296 -2.54 -20.27 8.66
N ASP B 297 -3.55 -21.02 9.09
CA ASP B 297 -3.34 -22.06 10.09
C ASP B 297 -2.90 -23.41 9.50
N ASN B 298 -2.37 -23.37 8.29
CA ASN B 298 -1.92 -24.57 7.58
C ASN B 298 -0.63 -25.15 8.20
N ASP B 299 -0.74 -26.23 8.94
CA ASP B 299 0.42 -26.81 9.61
C ASP B 299 1.27 -27.75 8.73
N ASP B 300 0.82 -28.02 7.51
CA ASP B 300 1.56 -28.92 6.62
C ASP B 300 2.73 -28.24 5.89
N LEU B 301 2.72 -26.92 5.84
CA LEU B 301 3.71 -26.18 5.06
C LEU B 301 5.11 -26.34 5.65
N PRO B 302 6.04 -26.82 4.83
CA PRO B 302 7.37 -27.17 5.34
C PRO B 302 8.42 -26.09 5.14
N THR B 303 9.55 -26.29 5.80
CA THR B 303 10.73 -25.49 5.54
C THR B 303 11.39 -26.00 4.27
N LEU B 304 11.52 -25.13 3.26
CA LEU B 304 12.12 -25.50 1.98
C LEU B 304 13.61 -25.73 2.18
N GLU B 305 14.20 -26.63 1.39
CA GLU B 305 15.63 -26.90 1.54
C GLU B 305 16.34 -26.77 0.21
N PHE B 306 17.56 -26.23 0.27
CA PHE B 306 18.38 -25.99 -0.90
C PHE B 306 19.76 -26.56 -0.64
N HIS B 307 20.07 -27.68 -1.28
CA HIS B 307 21.33 -28.37 -0.99
C HIS B 307 22.34 -28.19 -2.09
N SER B 308 23.54 -27.75 -1.71
CA SER B 308 24.64 -27.74 -2.65
C SER B 308 25.59 -28.87 -2.27
N ARG B 309 26.69 -28.99 -2.99
CA ARG B 309 27.66 -30.03 -2.71
C ARG B 309 28.12 -29.99 -1.26
N ASN B 310 28.33 -28.78 -0.73
CA ASN B 310 28.91 -28.67 0.60
C ASN B 310 28.00 -28.04 1.64
N ASN B 311 26.94 -27.37 1.20
CA ASN B 311 26.12 -26.57 2.11
C ASN B 311 24.64 -26.85 2.01
N LYS B 312 23.90 -26.39 3.01
CA LYS B 312 22.46 -26.54 3.05
C LYS B 312 21.80 -25.25 3.51
N TYR B 313 20.93 -24.70 2.68
CA TYR B 313 20.19 -23.49 3.03
C TYR B 313 18.74 -23.89 3.19
N THR B 314 17.99 -23.11 3.95
CA THR B 314 16.61 -23.42 4.21
C THR B 314 15.75 -22.17 4.21
N LEU B 315 14.48 -22.34 3.93
CA LEU B 315 13.57 -21.22 3.96
C LEU B 315 12.27 -21.62 4.64
N GLU B 316 12.10 -21.11 5.85
CA GLU B 316 10.92 -21.36 6.68
C GLU B 316 9.68 -20.71 6.10
N PRO B 317 8.49 -21.26 6.40
CA PRO B 317 7.22 -20.69 5.92
C PRO B 317 7.05 -19.21 6.23
N GLU B 318 7.59 -18.74 7.35
CA GLU B 318 7.47 -17.33 7.69
C GLU B 318 8.02 -16.42 6.59
N PHE B 319 8.98 -16.89 5.81
CA PHE B 319 9.57 -16.07 4.75
C PHE B 319 8.83 -16.18 3.43
N TYR B 320 8.13 -17.29 3.20
CA TYR B 320 7.51 -17.42 1.88
C TYR B 320 6.00 -17.32 1.90
N MET B 321 5.44 -16.87 3.03
CA MET B 321 4.02 -16.54 3.01
C MET B 321 3.72 -15.33 3.88
N ASP B 322 2.56 -14.72 3.66
CA ASP B 322 2.11 -13.60 4.46
C ASP B 322 0.59 -13.56 4.49
N PRO B 323 0.02 -13.16 5.62
CA PRO B 323 -1.44 -13.09 5.71
C PRO B 323 -2.01 -12.00 4.79
N LEU B 324 -3.17 -12.27 4.20
CA LEU B 324 -3.87 -11.27 3.39
C LEU B 324 -4.71 -10.39 4.32
N SER B 325 -4.04 -9.60 5.17
CA SER B 325 -4.74 -8.89 6.23
C SER B 325 -5.85 -7.94 5.75
N ASP B 326 -5.67 -7.34 4.58
CA ASP B 326 -6.67 -6.40 4.10
C ASP B 326 -7.81 -7.06 3.33
N ILE B 327 -7.72 -8.37 3.11
CA ILE B 327 -8.74 -9.10 2.36
C ILE B 327 -9.42 -10.11 3.29
N ASP B 328 -8.61 -10.97 3.88
CA ASP B 328 -9.08 -11.95 4.86
C ASP B 328 -7.88 -12.40 5.68
N PRO B 329 -7.78 -11.93 6.93
CA PRO B 329 -6.60 -12.25 7.73
C PRO B 329 -6.47 -13.74 8.08
N ALA B 330 -7.49 -14.54 7.75
CA ALA B 330 -7.41 -15.99 7.96
C ALA B 330 -6.75 -16.69 6.78
N LEU B 331 -6.56 -15.98 5.68
CA LEU B 331 -5.90 -16.53 4.49
C LEU B 331 -4.49 -15.94 4.35
N CYS B 332 -3.59 -16.72 3.77
CA CYS B 332 -2.23 -16.26 3.49
C CYS B 332 -1.91 -16.45 2.02
N MET B 333 -1.10 -15.55 1.48
CA MET B 333 -0.62 -15.72 0.12
C MET B 333 0.79 -16.31 0.17
N LEU B 334 1.13 -17.12 -0.83
CA LEU B 334 2.46 -17.72 -0.93
C LEU B 334 3.34 -16.95 -1.90
N TYR B 335 4.59 -16.72 -1.52
CA TYR B 335 5.52 -16.04 -2.41
C TYR B 335 6.34 -17.05 -3.20
N ILE B 336 5.64 -18.03 -3.78
CA ILE B 336 6.25 -19.03 -4.64
C ILE B 336 5.36 -19.11 -5.88
N LEU B 337 5.96 -18.94 -7.05
CA LEU B 337 5.17 -18.90 -8.29
C LEU B 337 5.67 -19.89 -9.31
N PRO B 338 4.73 -20.49 -10.06
CA PRO B 338 5.13 -21.43 -11.11
C PRO B 338 5.46 -20.68 -12.39
N VAL B 339 6.72 -20.71 -12.80
CA VAL B 339 7.12 -20.14 -14.09
C VAL B 339 8.13 -21.08 -14.75
N ASP B 340 7.88 -21.39 -16.02
CA ASP B 340 8.80 -22.24 -16.78
C ASP B 340 9.81 -21.39 -17.54
N ILE B 341 10.92 -21.08 -16.89
CA ILE B 341 11.90 -20.16 -17.47
C ILE B 341 12.87 -20.93 -18.37
N ASP B 342 13.16 -22.17 -17.98
CA ASP B 342 14.02 -23.08 -18.74
C ASP B 342 14.03 -24.39 -17.96
N ASP B 343 14.69 -25.40 -18.51
CA ASP B 343 14.77 -26.70 -17.86
C ASP B 343 15.30 -26.58 -16.43
N ASN B 344 14.53 -27.12 -15.48
CA ASN B 344 14.97 -27.26 -14.10
C ASN B 344 15.34 -25.94 -13.41
N THR B 345 14.81 -24.81 -13.87
CA THR B 345 15.32 -23.55 -13.34
C THR B 345 14.38 -22.88 -12.35
N PHE B 346 14.96 -22.47 -11.23
CA PHE B 346 14.27 -21.76 -10.16
C PHE B 346 14.86 -20.38 -10.05
N ILE B 347 14.08 -19.43 -9.57
CA ILE B 347 14.63 -18.13 -9.19
C ILE B 347 14.49 -17.94 -7.69
N LEU B 348 15.60 -17.58 -7.04
CA LEU B 348 15.59 -17.19 -5.64
C LEU B 348 15.55 -15.67 -5.56
N GLY B 349 14.35 -15.13 -5.39
CA GLY B 349 14.17 -13.69 -5.31
C GLY B 349 13.98 -13.23 -3.89
N ASP B 350 13.11 -12.24 -3.72
CA ASP B 350 12.92 -11.53 -2.46
C ASP B 350 12.78 -12.41 -1.19
N PRO B 351 11.95 -13.46 -1.21
CA PRO B 351 11.81 -14.23 0.05
C PRO B 351 13.13 -14.86 0.52
N PHE B 352 13.96 -15.31 -0.41
CA PHE B 352 15.26 -15.87 -0.06
C PHE B 352 16.21 -14.80 0.46
N MET B 353 16.21 -13.64 -0.18
CA MET B 353 17.09 -12.51 0.20
C MET B 353 16.65 -11.89 1.53
N ARG B 354 15.38 -12.07 1.90
CA ARG B 354 14.92 -11.55 3.18
C ARG B 354 15.42 -12.38 4.37
N LYS B 355 15.75 -13.65 4.12
CA LYS B 355 16.42 -14.43 5.15
C LYS B 355 17.95 -14.34 5.05
N TYR B 356 18.47 -14.47 3.84
CA TYR B 356 19.91 -14.54 3.59
C TYR B 356 20.53 -13.28 3.04
N PHE B 357 21.51 -12.78 3.77
CA PHE B 357 22.49 -11.83 3.24
C PHE B 357 23.12 -12.45 2.01
N THR B 358 23.18 -11.72 0.90
CA THR B 358 23.70 -12.31 -0.33
C THR B 358 24.87 -11.56 -0.90
N VAL B 359 25.87 -12.32 -1.35
CA VAL B 359 27.10 -11.79 -1.90
C VAL B 359 27.24 -12.21 -3.35
N PHE B 360 27.53 -11.24 -4.21
CA PHE B 360 27.67 -11.50 -5.64
C PHE B 360 29.10 -11.17 -6.01
N ASP B 361 29.91 -12.19 -6.27
CA ASP B 361 31.35 -11.98 -6.42
C ASP B 361 31.81 -12.26 -7.85
N TYR B 362 32.13 -11.20 -8.58
CA TYR B 362 32.56 -11.33 -9.98
C TYR B 362 33.91 -12.04 -10.07
N GLU B 363 34.80 -11.75 -9.12
CA GLU B 363 36.15 -12.32 -9.17
C GLU B 363 36.15 -13.82 -8.88
N LYS B 364 35.36 -14.24 -7.90
CA LYS B 364 35.26 -15.65 -7.52
C LYS B 364 34.27 -16.38 -8.41
N GLU B 365 33.56 -15.64 -9.26
CA GLU B 365 32.49 -16.20 -10.09
C GLU B 365 31.58 -17.08 -9.25
N SER B 366 31.08 -16.49 -8.16
CA SER B 366 30.31 -17.19 -7.15
C SER B 366 29.27 -16.28 -6.53
N VAL B 367 28.30 -16.88 -5.87
CA VAL B 367 27.45 -16.16 -4.93
C VAL B 367 27.74 -16.69 -3.54
N GLY B 368 27.51 -15.86 -2.53
CA GLY B 368 27.70 -16.28 -1.16
C GLY B 368 26.47 -15.99 -0.34
N PHE B 369 26.17 -16.84 0.64
CA PHE B 369 24.99 -16.68 1.47
C PHE B 369 25.39 -16.77 2.94
N ALA B 370 24.76 -15.94 3.76
CA ALA B 370 24.85 -16.08 5.20
C ALA B 370 23.52 -15.62 5.77
N VAL B 371 23.15 -16.12 6.94
CA VAL B 371 21.93 -15.66 7.57
C VAL B 371 22.08 -14.17 7.87
N ALA B 372 21.13 -13.36 7.40
CA ALA B 372 21.20 -11.92 7.62
C ALA B 372 21.00 -11.60 9.11
N LYS B 373 21.73 -10.59 9.58
CA LYS B 373 21.62 -10.20 10.98
C LYS B 373 20.38 -9.36 11.17
N ASN B 374 19.49 -9.82 12.03
CA ASN B 374 18.27 -9.08 12.36
C ASN B 374 18.06 -9.13 13.86
N LEU B 375 18.81 -8.28 14.58
CA LEU B 375 18.85 -8.28 16.04
C LEU B 375 19.28 -9.63 16.60
#